data_7P4H
#
_entry.id   7P4H
#
_cell.length_a   131.831
_cell.length_b   222.767
_cell.length_c   86.288
_cell.angle_alpha   90.000
_cell.angle_beta   90.000
_cell.angle_gamma   90.000
#
_symmetry.space_group_name_H-M   'C 2 2 2'
#
loop_
_entity.id
_entity.type
_entity.pdbx_description
1 polymer 'Amine oxidase [flavin-containing] B'
2 non-polymer 'FLAVIN-ADENINE DINUCLEOTIDE'
3 non-polymer 3,4-dimethyl-7-[[(3~{S})-piperidin-3-yl]methoxy]chromen-2-one
4 non-polymer N-DODECYL-N,N-DIMETHYL-3-AMMONIO-1-PROPANESULFONATE
5 water water
#
_entity_poly.entity_id   1
_entity_poly.type   'polypeptide(L)'
_entity_poly.pdbx_seq_one_letter_code
;MSNKCDVVVVGGGISGMAAAKLLHDSGLNVVVLEARDRVGGRTYTLRNQKVKYVDLGGSYVGPTQNRILRLAKELGLETY
KVNEVERLIHHVKGKSYPFRGPFPPVWNPITYLDHNNFWRTMDDMGREIPSDAPWKAPLAEEWDNMTMKELLDKLCWTES
AKQLATLFVNLCVTAETHEVSALWFLWYVKQCGGTTRIISTTNGGQERKFVGGSGQVSERIMDLLGDRVKLERPVIYIDQ
TRENVLVETLNHEMYEAKYVISAIPPTLGMKIHFNPPLPMMRNQMITRVPLGSVIKCIVYYKEPFWRKKDYCGTMIIDGE
EAPVAYTLDDTKPEGNYAAIMGFILAHKARKLARLTKEERLKKLCELYAKVLGSLEALEPVHYEEKNWCEEQYSGGCYTT
YFPPGILTQYGRVLRQPVDRIYFAGTETATHWSGYMEGAVEAGERAAREILHAMGKIPEDEIWQSEPESVDVPAQPITTT
FLERHLPSVPGLLRLIGLTTIFSATALGFLAHKRGLLVRV
;
_entity_poly.pdbx_strand_id   A,B
#
# COMPACT_ATOMS: atom_id res chain seq x y z
N ASN A 3 1.30 -16.30 31.21
CA ASN A 3 2.77 -16.36 30.99
C ASN A 3 3.08 -17.53 30.03
N LYS A 4 3.05 -18.81 30.47
CA LYS A 4 3.39 -19.97 29.59
C LYS A 4 2.11 -20.66 29.11
N CYS A 5 2.08 -21.10 27.85
CA CYS A 5 0.97 -21.86 27.20
C CYS A 5 1.54 -22.61 25.98
N ASP A 6 0.71 -23.34 25.26
CA ASP A 6 1.11 -24.00 23.98
C ASP A 6 1.09 -22.99 22.83
N VAL A 7 0.02 -22.20 22.72
CA VAL A 7 -0.21 -21.30 21.55
C VAL A 7 -0.74 -19.95 22.04
N VAL A 8 -0.05 -18.89 21.65
CA VAL A 8 -0.55 -17.51 21.75
C VAL A 8 -1.24 -17.22 20.43
N VAL A 9 -2.50 -16.78 20.51
CA VAL A 9 -3.29 -16.26 19.38
C VAL A 9 -3.37 -14.73 19.52
N VAL A 10 -2.79 -14.03 18.57
CA VAL A 10 -2.80 -12.55 18.47
C VAL A 10 -4.04 -12.14 17.66
N GLY A 11 -5.01 -11.52 18.30
CA GLY A 11 -6.26 -11.10 17.67
C GLY A 11 -7.41 -11.92 18.19
N GLY A 12 -8.40 -11.27 18.76
CA GLY A 12 -9.64 -11.91 19.24
C GLY A 12 -10.82 -11.52 18.37
N GLY A 13 -10.61 -11.44 17.04
CA GLY A 13 -11.72 -11.42 16.09
C GLY A 13 -12.21 -12.83 15.87
N ILE A 14 -13.10 -13.03 14.90
CA ILE A 14 -13.70 -14.37 14.61
C ILE A 14 -12.60 -15.36 14.27
N SER A 15 -11.58 -14.95 13.52
CA SER A 15 -10.49 -15.87 13.10
C SER A 15 -9.70 -16.37 14.31
N GLY A 16 -9.19 -15.46 15.14
CA GLY A 16 -8.41 -15.81 16.33
C GLY A 16 -9.27 -16.64 17.30
N MET A 17 -10.54 -16.30 17.47
CA MET A 17 -11.41 -17.02 18.44
C MET A 17 -11.74 -18.41 17.89
N ALA A 18 -11.96 -18.58 16.58
CA ALA A 18 -12.18 -19.91 15.96
C ALA A 18 -10.92 -20.78 16.10
N ALA A 19 -9.73 -20.20 15.89
CA ALA A 19 -8.41 -20.85 16.07
C ALA A 19 -8.29 -21.35 17.52
N ALA A 20 -8.52 -20.45 18.47
CA ALA A 20 -8.35 -20.68 19.91
C ALA A 20 -9.33 -21.80 20.34
N LYS A 21 -10.57 -21.75 19.86
CA LYS A 21 -11.59 -22.73 20.27
C LYS A 21 -11.16 -24.12 19.79
N LEU A 22 -10.69 -24.23 18.55
CA LEU A 22 -10.27 -25.54 17.97
C LEU A 22 -9.08 -26.09 18.77
N LEU A 23 -8.04 -25.27 19.00
CA LEU A 23 -6.85 -25.66 19.79
C LEU A 23 -7.27 -26.07 21.21
N HIS A 24 -8.16 -25.29 21.84
CA HIS A 24 -8.67 -25.56 23.21
C HIS A 24 -9.42 -26.90 23.20
N ASP A 25 -10.22 -27.17 22.17
CA ASP A 25 -11.06 -28.40 22.09
C ASP A 25 -10.17 -29.62 21.84
N SER A 26 -8.99 -29.43 21.28
CA SER A 26 -8.02 -30.51 21.04
C SER A 26 -7.12 -30.68 22.27
N GLY A 27 -7.42 -29.99 23.38
CA GLY A 27 -6.72 -30.16 24.66
C GLY A 27 -5.41 -29.36 24.79
N LEU A 28 -5.16 -28.34 23.97
CA LEU A 28 -3.98 -27.44 24.16
C LEU A 28 -4.34 -26.29 25.10
N ASN A 29 -3.31 -25.71 25.71
CA ASN A 29 -3.37 -24.46 26.50
C ASN A 29 -3.12 -23.27 25.56
N VAL A 30 -4.12 -22.42 25.41
CA VAL A 30 -4.10 -21.25 24.49
C VAL A 30 -4.33 -20.01 25.32
N VAL A 31 -3.71 -18.93 24.86
CA VAL A 31 -4.06 -17.56 25.32
C VAL A 31 -4.41 -16.77 24.07
N VAL A 32 -5.40 -15.90 24.19
CA VAL A 32 -5.78 -14.93 23.12
C VAL A 32 -5.39 -13.55 23.62
N LEU A 33 -4.55 -12.85 22.86
CA LEU A 33 -4.12 -11.48 23.21
C LEU A 33 -4.83 -10.53 22.27
N GLU A 34 -5.78 -9.78 22.82
CA GLU A 34 -6.65 -8.83 22.08
C GLU A 34 -6.30 -7.41 22.51
N ALA A 35 -5.97 -6.55 21.54
CA ALA A 35 -5.58 -5.13 21.69
C ALA A 35 -6.72 -4.31 22.31
N ARG A 36 -7.96 -4.53 21.89
CA ARG A 36 -9.14 -3.75 22.35
C ARG A 36 -9.69 -4.24 23.70
N ASP A 37 -10.59 -3.46 24.28
CA ASP A 37 -11.36 -3.83 25.50
C ASP A 37 -12.53 -4.75 25.17
N ARG A 38 -12.59 -5.32 23.95
CA ARG A 38 -13.69 -6.23 23.52
C ARG A 38 -13.12 -7.23 22.51
N VAL A 39 -13.78 -8.38 22.34
CA VAL A 39 -13.54 -9.30 21.20
C VAL A 39 -14.47 -8.90 20.03
N GLY A 40 -14.23 -9.44 18.84
CA GLY A 40 -15.09 -9.35 17.64
C GLY A 40 -14.39 -8.65 16.49
N GLY A 41 -13.43 -7.77 16.78
CA GLY A 41 -12.65 -7.02 15.78
C GLY A 41 -13.54 -6.28 14.79
N ARG A 42 -13.56 -6.72 13.53
CA ARG A 42 -14.34 -6.04 12.46
C ARG A 42 -15.84 -6.43 12.59
N THR A 43 -16.22 -7.26 13.55
CA THR A 43 -17.64 -7.44 13.98
C THR A 43 -17.82 -6.72 15.31
N TYR A 44 -18.92 -6.00 15.43
CA TYR A 44 -19.23 -5.19 16.63
C TYR A 44 -20.75 -5.01 16.69
N THR A 45 -21.37 -5.62 17.69
CA THR A 45 -22.82 -5.47 17.94
C THR A 45 -22.97 -4.46 19.06
N LEU A 46 -23.53 -3.29 18.76
CA LEU A 46 -23.90 -2.26 19.76
C LEU A 46 -25.26 -2.62 20.37
N ARG A 47 -25.37 -2.63 21.70
CA ARG A 47 -26.67 -2.76 22.42
C ARG A 47 -27.02 -1.45 23.13
N ASN A 48 -28.21 -0.93 22.89
CA ASN A 48 -28.85 0.16 23.69
C ASN A 48 -30.35 0.00 23.54
N GLN A 49 -31.13 0.77 24.27
CA GLN A 49 -32.60 0.63 24.32
C GLN A 49 -33.24 1.08 23.00
N LYS A 50 -32.64 2.03 22.31
CA LYS A 50 -33.22 2.54 21.04
C LYS A 50 -33.14 1.50 19.93
N VAL A 51 -32.09 0.66 19.88
CA VAL A 51 -31.83 -0.24 18.71
C VAL A 51 -32.05 -1.71 19.09
N LYS A 52 -32.11 -1.98 20.38
CA LYS A 52 -31.98 -3.30 21.04
C LYS A 52 -30.59 -3.87 20.73
N TYR A 53 -30.29 -4.19 19.48
CA TYR A 53 -28.92 -4.60 19.07
C TYR A 53 -28.74 -4.17 17.62
N VAL A 54 -27.51 -3.82 17.23
CA VAL A 54 -27.21 -3.51 15.80
C VAL A 54 -25.76 -3.89 15.49
N ASP A 55 -25.57 -4.55 14.35
CA ASP A 55 -24.24 -4.85 13.78
C ASP A 55 -23.68 -3.59 13.10
N LEU A 56 -22.59 -3.03 13.63
CA LEU A 56 -21.93 -1.86 13.01
C LEU A 56 -20.73 -2.32 12.16
N GLY A 57 -20.33 -3.60 12.25
CA GLY A 57 -19.30 -4.21 11.39
C GLY A 57 -19.91 -5.35 10.59
N GLY A 58 -19.18 -6.44 10.37
CA GLY A 58 -19.71 -7.61 9.64
C GLY A 58 -21.00 -8.13 10.26
N SER A 59 -21.93 -8.54 9.39
CA SER A 59 -23.35 -8.81 9.73
C SER A 59 -23.93 -9.98 8.93
N TYR A 60 -23.76 -9.97 7.60
CA TYR A 60 -24.48 -10.88 6.67
C TYR A 60 -23.73 -12.19 6.53
N VAL A 61 -24.53 -13.26 6.49
CA VAL A 61 -24.10 -14.63 6.13
C VAL A 61 -25.11 -15.16 5.11
N GLY A 62 -24.71 -16.17 4.34
CA GLY A 62 -25.57 -16.73 3.28
C GLY A 62 -25.15 -18.14 2.89
N PRO A 63 -25.91 -18.73 1.94
CA PRO A 63 -25.56 -20.03 1.37
C PRO A 63 -24.11 -20.13 0.88
N THR A 64 -23.53 -21.30 1.15
CA THR A 64 -22.13 -21.72 0.88
C THR A 64 -21.18 -21.24 1.99
N GLN A 65 -21.62 -20.43 2.94
CA GLN A 65 -20.76 -20.00 4.09
C GLN A 65 -21.00 -20.98 5.25
N ASN A 66 -20.59 -22.24 5.04
CA ASN A 66 -20.98 -23.39 5.89
C ASN A 66 -20.20 -23.39 7.21
N ARG A 67 -18.98 -22.81 7.25
CA ARG A 67 -18.12 -22.85 8.48
C ARG A 67 -18.67 -21.88 9.53
N ILE A 68 -19.01 -20.65 9.14
CA ILE A 68 -19.53 -19.61 10.10
C ILE A 68 -20.90 -20.08 10.56
N LEU A 69 -21.72 -20.67 9.68
CA LEU A 69 -23.05 -21.19 10.07
C LEU A 69 -22.89 -22.33 11.10
N ARG A 70 -21.99 -23.27 10.85
CA ARG A 70 -21.75 -24.41 11.78
C ARG A 70 -21.26 -23.86 13.12
N LEU A 71 -20.24 -22.99 13.12
CA LEU A 71 -19.67 -22.43 14.37
C LEU A 71 -20.76 -21.70 15.16
N ALA A 72 -21.51 -20.83 14.48
CA ALA A 72 -22.58 -20.01 15.11
C ALA A 72 -23.64 -20.94 15.72
N LYS A 73 -24.04 -21.97 14.98
CA LYS A 73 -25.08 -22.94 15.44
C LYS A 73 -24.56 -23.69 16.67
N GLU A 74 -23.31 -24.13 16.66
CA GLU A 74 -22.69 -24.84 17.80
C GLU A 74 -22.72 -23.94 19.05
N LEU A 75 -22.57 -22.63 18.88
CA LEU A 75 -22.58 -21.66 19.99
C LEU A 75 -24.01 -21.28 20.38
N GLY A 76 -25.04 -21.86 19.76
CA GLY A 76 -26.44 -21.64 20.13
C GLY A 76 -27.07 -20.46 19.39
N LEU A 77 -26.48 -19.95 18.31
CA LEU A 77 -27.05 -18.77 17.60
C LEU A 77 -28.04 -19.20 16.50
N GLU A 78 -28.96 -18.31 16.16
CA GLU A 78 -29.93 -18.50 15.05
C GLU A 78 -29.73 -17.39 14.02
N THR A 79 -30.13 -17.65 12.78
CA THR A 79 -30.16 -16.68 11.64
C THR A 79 -31.62 -16.31 11.35
N TYR A 80 -31.83 -15.17 10.72
CA TYR A 80 -33.11 -14.80 10.08
C TYR A 80 -32.80 -14.20 8.70
N LYS A 81 -33.80 -14.19 7.84
CA LYS A 81 -33.64 -13.69 6.45
C LYS A 81 -33.75 -12.17 6.41
N VAL A 82 -32.81 -11.52 5.75
CA VAL A 82 -32.94 -10.08 5.36
C VAL A 82 -34.19 -9.94 4.48
N ASN A 83 -34.95 -8.87 4.68
CA ASN A 83 -36.21 -8.59 3.93
C ASN A 83 -35.93 -8.38 2.43
N GLU A 84 -36.40 -9.29 1.60
CA GLU A 84 -36.37 -9.16 0.12
C GLU A 84 -37.73 -9.55 -0.46
N VAL A 85 -38.80 -9.44 0.31
CA VAL A 85 -40.17 -9.79 -0.14
C VAL A 85 -40.59 -8.81 -1.25
N GLU A 86 -40.41 -7.50 -1.08
CA GLU A 86 -40.96 -6.50 -2.04
C GLU A 86 -39.87 -6.15 -3.10
N ARG A 87 -40.06 -5.07 -3.85
CA ARG A 87 -39.19 -4.74 -5.01
C ARG A 87 -37.88 -4.09 -4.53
N LEU A 88 -36.79 -4.43 -5.21
CA LEU A 88 -35.50 -3.69 -5.16
C LEU A 88 -35.66 -2.39 -5.98
N ILE A 89 -34.80 -1.40 -5.73
CA ILE A 89 -34.76 -0.13 -6.50
C ILE A 89 -33.36 0.04 -7.09
N HIS A 90 -33.33 0.35 -8.37
CA HIS A 90 -32.11 0.87 -9.06
C HIS A 90 -32.38 2.35 -9.30
N HIS A 91 -31.58 3.22 -8.68
CA HIS A 91 -31.68 4.68 -8.83
C HIS A 91 -30.52 5.11 -9.72
N VAL A 92 -30.83 5.62 -10.91
CA VAL A 92 -29.80 6.04 -11.89
C VAL A 92 -30.29 7.32 -12.59
N LYS A 93 -29.41 8.33 -12.67
CA LYS A 93 -29.68 9.67 -13.28
C LYS A 93 -30.93 10.30 -12.65
N GLY A 94 -31.01 10.29 -11.32
CA GLY A 94 -32.06 10.97 -10.55
C GLY A 94 -33.42 10.28 -10.60
N LYS A 95 -33.55 9.05 -11.12
CA LYS A 95 -34.86 8.34 -11.15
C LYS A 95 -34.75 6.94 -10.56
N SER A 96 -35.83 6.47 -9.93
CA SER A 96 -35.90 5.13 -9.31
C SER A 96 -36.63 4.17 -10.25
N TYR A 97 -36.05 2.97 -10.44
CA TYR A 97 -36.57 1.90 -11.32
C TYR A 97 -36.70 0.64 -10.47
N PRO A 98 -37.90 0.32 -9.97
CA PRO A 98 -38.11 -0.88 -9.14
C PRO A 98 -38.01 -2.17 -9.97
N PHE A 99 -37.58 -3.25 -9.36
CA PHE A 99 -37.35 -4.53 -10.08
C PHE A 99 -37.34 -5.70 -9.09
N ARG A 100 -37.32 -6.91 -9.64
CA ARG A 100 -37.19 -8.19 -8.90
C ARG A 100 -36.03 -8.97 -9.50
N GLY A 101 -35.44 -9.86 -8.71
CA GLY A 101 -34.30 -10.69 -9.17
C GLY A 101 -33.03 -9.97 -8.83
N PRO A 102 -31.87 -10.66 -8.90
CA PRO A 102 -30.64 -10.12 -8.34
C PRO A 102 -30.03 -8.93 -9.10
N PHE A 103 -30.21 -8.86 -10.42
CA PHE A 103 -29.59 -7.83 -11.30
C PHE A 103 -30.65 -6.83 -11.75
N PRO A 104 -30.39 -5.51 -11.71
CA PRO A 104 -31.30 -4.55 -12.33
C PRO A 104 -31.47 -4.90 -13.80
N PRO A 105 -32.72 -4.96 -14.32
CA PRO A 105 -32.95 -5.34 -15.70
C PRO A 105 -32.48 -4.20 -16.61
N VAL A 106 -32.10 -4.54 -17.85
CA VAL A 106 -31.62 -3.59 -18.89
C VAL A 106 -32.50 -3.80 -20.11
N TRP A 107 -33.16 -2.75 -20.61
CA TRP A 107 -34.13 -2.89 -21.73
C TRP A 107 -33.47 -2.66 -23.08
N ASN A 108 -32.60 -1.66 -23.19
CA ASN A 108 -31.91 -1.31 -24.45
C ASN A 108 -31.06 -2.51 -24.88
N PRO A 109 -31.34 -3.12 -26.06
CA PRO A 109 -30.64 -4.33 -26.51
C PRO A 109 -29.10 -4.27 -26.54
N ILE A 110 -28.53 -3.16 -26.99
CA ILE A 110 -27.05 -3.01 -27.05
C ILE A 110 -26.52 -3.04 -25.62
N THR A 111 -27.13 -2.22 -24.76
CA THR A 111 -26.85 -2.12 -23.31
C THR A 111 -27.02 -3.50 -22.69
N TYR A 112 -28.02 -4.26 -23.11
CA TYR A 112 -28.30 -5.59 -22.55
C TYR A 112 -27.11 -6.49 -22.89
N LEU A 113 -26.64 -6.44 -24.13
CA LEU A 113 -25.50 -7.30 -24.57
C LEU A 113 -24.27 -6.91 -23.75
N ASP A 114 -24.06 -5.61 -23.50
CA ASP A 114 -22.87 -5.12 -22.78
C ASP A 114 -22.94 -5.57 -21.30
N HIS A 115 -24.09 -5.42 -20.64
CA HIS A 115 -24.29 -5.84 -19.23
C HIS A 115 -24.05 -7.35 -19.10
N ASN A 116 -24.68 -8.15 -19.95
CA ASN A 116 -24.63 -9.63 -19.89
C ASN A 116 -23.17 -10.04 -20.03
N ASN A 117 -22.48 -9.44 -20.99
CA ASN A 117 -21.07 -9.76 -21.32
C ASN A 117 -20.17 -9.38 -20.14
N PHE A 118 -20.45 -8.24 -19.52
CA PHE A 118 -19.66 -7.76 -18.36
C PHE A 118 -19.66 -8.86 -17.28
N TRP A 119 -20.82 -9.24 -16.78
CA TRP A 119 -20.92 -10.21 -15.68
C TRP A 119 -20.30 -11.55 -16.11
N ARG A 120 -20.59 -11.98 -17.34
CA ARG A 120 -20.16 -13.27 -17.91
C ARG A 120 -18.63 -13.30 -17.93
N THR A 121 -18.00 -12.23 -18.42
CA THR A 121 -16.54 -12.14 -18.56
C THR A 121 -15.93 -12.17 -17.16
N MET A 122 -16.51 -11.43 -16.20
CA MET A 122 -16.01 -11.46 -14.79
C MET A 122 -15.84 -12.94 -14.38
N ASP A 123 -16.91 -13.72 -14.55
CA ASP A 123 -16.96 -15.15 -14.16
C ASP A 123 -16.05 -15.98 -15.08
N ASP A 124 -15.96 -15.67 -16.37
CA ASP A 124 -15.08 -16.41 -17.33
C ASP A 124 -13.62 -16.25 -16.88
N MET A 125 -13.20 -15.00 -16.66
CA MET A 125 -11.81 -14.73 -16.23
C MET A 125 -11.55 -15.43 -14.88
N GLY A 126 -12.54 -15.41 -13.99
CA GLY A 126 -12.42 -16.01 -12.65
C GLY A 126 -12.13 -17.51 -12.70
N ARG A 127 -12.74 -18.21 -13.65
CA ARG A 127 -12.51 -19.69 -13.80
C ARG A 127 -11.07 -19.98 -14.19
N GLU A 128 -10.33 -18.99 -14.71
CA GLU A 128 -8.90 -19.16 -15.03
C GLU A 128 -8.03 -19.06 -13.78
N ILE A 129 -8.59 -18.66 -12.65
CA ILE A 129 -7.79 -18.21 -11.47
C ILE A 129 -7.94 -19.21 -10.34
N PRO A 130 -6.88 -19.96 -9.95
CA PRO A 130 -7.02 -20.90 -8.84
C PRO A 130 -7.29 -20.13 -7.54
N SER A 131 -8.25 -20.59 -6.75
CA SER A 131 -8.70 -19.99 -5.47
C SER A 131 -7.54 -19.90 -4.47
N ASP A 132 -6.67 -20.90 -4.49
CA ASP A 132 -5.61 -21.07 -3.48
C ASP A 132 -4.27 -20.54 -4.02
N ALA A 133 -4.20 -20.12 -5.28
CA ALA A 133 -2.97 -19.58 -5.87
C ALA A 133 -3.32 -18.70 -7.07
N PRO A 134 -3.95 -17.54 -6.87
CA PRO A 134 -4.35 -16.70 -8.00
C PRO A 134 -3.22 -16.28 -8.96
N TRP A 135 -2.01 -16.14 -8.42
CA TRP A 135 -0.77 -15.82 -9.16
C TRP A 135 -0.42 -16.96 -10.15
N LYS A 136 -1.11 -18.10 -10.14
CA LYS A 136 -0.89 -19.17 -11.16
C LYS A 136 -1.86 -19.08 -12.34
N ALA A 137 -2.82 -18.15 -12.36
CA ALA A 137 -3.66 -17.94 -13.57
C ALA A 137 -2.71 -17.79 -14.76
N PRO A 138 -3.01 -18.39 -15.94
CA PRO A 138 -2.17 -18.20 -17.12
C PRO A 138 -1.78 -16.75 -17.45
N LEU A 139 -2.68 -15.79 -17.28
CA LEU A 139 -2.44 -14.36 -17.59
C LEU A 139 -2.29 -13.56 -16.28
N ALA A 140 -1.78 -14.18 -15.21
CA ALA A 140 -1.75 -13.55 -13.88
C ALA A 140 -1.07 -12.18 -14.02
N GLU A 141 0.11 -12.16 -14.60
CA GLU A 141 0.96 -10.96 -14.72
C GLU A 141 0.21 -9.83 -15.44
N GLU A 142 -0.31 -10.12 -16.63
CA GLU A 142 -1.07 -9.14 -17.45
C GLU A 142 -2.28 -8.62 -16.67
N TRP A 143 -3.01 -9.49 -15.95
CA TRP A 143 -4.21 -9.03 -15.21
C TRP A 143 -3.81 -8.28 -13.94
N ASP A 144 -2.67 -8.64 -13.35
CA ASP A 144 -2.25 -8.00 -12.09
C ASP A 144 -1.65 -6.61 -12.38
N ASN A 145 -1.13 -6.36 -13.58
CA ASN A 145 -0.50 -5.06 -13.95
C ASN A 145 -1.54 -4.05 -14.43
N MET A 146 -2.81 -4.37 -14.27
CA MET A 146 -3.98 -3.59 -14.72
C MET A 146 -4.78 -3.24 -13.49
N THR A 147 -5.37 -2.05 -13.41
CA THR A 147 -6.37 -1.75 -12.36
C THR A 147 -7.72 -2.28 -12.84
N MET A 148 -8.69 -2.39 -11.95
CA MET A 148 -10.08 -2.67 -12.36
C MET A 148 -10.60 -1.53 -13.24
N LYS A 149 -10.14 -0.29 -13.06
CA LYS A 149 -10.59 0.83 -13.95
C LYS A 149 -10.18 0.55 -15.40
N GLU A 150 -8.93 0.18 -15.65
CA GLU A 150 -8.43 -0.17 -17.00
C GLU A 150 -9.24 -1.34 -17.58
N LEU A 151 -9.49 -2.38 -16.80
CA LEU A 151 -10.27 -3.55 -17.29
C LEU A 151 -11.69 -3.12 -17.69
N LEU A 152 -12.37 -2.31 -16.86
CA LEU A 152 -13.74 -1.84 -17.18
C LEU A 152 -13.71 -0.97 -18.45
N ASP A 153 -12.70 -0.11 -18.60
CA ASP A 153 -12.51 0.75 -19.82
C ASP A 153 -12.40 -0.14 -21.08
N LYS A 154 -11.74 -1.31 -21.02
CA LYS A 154 -11.62 -2.23 -22.19
C LYS A 154 -12.92 -3.00 -22.42
N LEU A 155 -13.63 -3.37 -21.37
CA LEU A 155 -14.68 -4.40 -21.39
C LEU A 155 -16.03 -3.76 -21.71
N CYS A 156 -16.29 -2.59 -21.16
CA CYS A 156 -17.63 -1.96 -21.15
C CYS A 156 -17.75 -1.01 -22.35
N TRP A 157 -18.60 -1.35 -23.30
CA TRP A 157 -18.83 -0.53 -24.51
C TRP A 157 -19.96 0.47 -24.26
N THR A 158 -20.60 0.42 -23.09
CA THR A 158 -21.65 1.40 -22.69
C THR A 158 -21.23 2.03 -21.35
N GLU A 159 -21.58 3.30 -21.15
CA GLU A 159 -21.41 4.01 -19.86
C GLU A 159 -22.29 3.32 -18.81
N SER A 160 -23.49 2.87 -19.18
CA SER A 160 -24.45 2.20 -18.26
C SER A 160 -23.77 1.02 -17.54
N ALA A 161 -23.16 0.11 -18.30
CA ALA A 161 -22.44 -1.07 -17.76
C ALA A 161 -21.21 -0.60 -16.97
N LYS A 162 -20.47 0.38 -17.48
CA LYS A 162 -19.26 0.86 -16.77
C LYS A 162 -19.64 1.41 -15.40
N GLN A 163 -20.70 2.20 -15.29
CA GLN A 163 -21.15 2.81 -14.02
C GLN A 163 -21.63 1.71 -13.07
N LEU A 164 -22.42 0.75 -13.56
CA LEU A 164 -22.91 -0.35 -12.68
C LEU A 164 -21.71 -1.18 -12.20
N ALA A 165 -20.81 -1.53 -13.11
CA ALA A 165 -19.57 -2.28 -12.79
C ALA A 165 -18.71 -1.51 -11.78
N THR A 166 -18.66 -0.17 -11.87
CA THR A 166 -17.89 0.66 -10.93
C THR A 166 -18.50 0.53 -9.51
N LEU A 167 -19.82 0.69 -9.38
CA LEU A 167 -20.55 0.56 -8.10
C LEU A 167 -20.33 -0.87 -7.55
N PHE A 168 -20.33 -1.87 -8.41
CA PHE A 168 -20.08 -3.29 -7.99
C PHE A 168 -18.72 -3.40 -7.29
N VAL A 169 -17.67 -2.84 -7.89
CA VAL A 169 -16.30 -2.88 -7.27
C VAL A 169 -16.29 -2.08 -5.97
N ASN A 170 -16.86 -0.87 -5.99
CA ASN A 170 -16.88 0.00 -4.79
C ASN A 170 -17.57 -0.76 -3.65
N LEU A 171 -18.68 -1.43 -3.94
CA LEU A 171 -19.54 -2.06 -2.90
C LEU A 171 -18.88 -3.34 -2.40
N CYS A 172 -18.24 -4.10 -3.29
CA CYS A 172 -17.60 -5.38 -2.93
C CYS A 172 -16.36 -5.22 -2.06
N VAL A 173 -15.48 -4.26 -2.34
CA VAL A 173 -14.13 -4.20 -1.73
C VAL A 173 -13.83 -2.78 -1.22
N THR A 174 -14.83 -1.92 -1.11
CA THR A 174 -14.77 -0.59 -0.44
C THR A 174 -13.53 0.18 -0.93
N ALA A 175 -13.35 0.22 -2.24
CA ALA A 175 -12.18 0.84 -2.90
C ALA A 175 -12.60 1.28 -4.31
N GLU A 176 -11.89 2.25 -4.85
CA GLU A 176 -12.09 2.77 -6.22
C GLU A 176 -11.55 1.73 -7.22
N THR A 177 -12.06 1.76 -8.44
CA THR A 177 -11.63 0.86 -9.54
C THR A 177 -10.15 1.10 -9.85
N HIS A 178 -9.68 2.35 -9.77
CA HIS A 178 -8.27 2.68 -10.13
C HIS A 178 -7.31 2.28 -9.00
N GLU A 179 -7.83 1.92 -7.81
CA GLU A 179 -6.99 1.55 -6.63
C GLU A 179 -6.59 0.08 -6.71
N VAL A 180 -7.42 -0.78 -7.29
CA VAL A 180 -7.31 -2.25 -7.09
C VAL A 180 -6.81 -2.97 -8.37
N SER A 181 -5.97 -3.98 -8.18
CA SER A 181 -5.56 -4.98 -9.18
C SER A 181 -6.79 -5.68 -9.79
N ALA A 182 -6.84 -5.77 -11.12
CA ALA A 182 -7.86 -6.55 -11.85
C ALA A 182 -7.72 -8.03 -11.45
N LEU A 183 -6.49 -8.59 -11.42
CA LEU A 183 -6.28 -10.02 -11.00
C LEU A 183 -6.85 -10.26 -9.61
N TRP A 184 -6.51 -9.39 -8.66
CA TRP A 184 -6.98 -9.55 -7.25
C TRP A 184 -8.51 -9.51 -7.22
N PHE A 185 -9.13 -8.55 -7.87
CA PHE A 185 -10.59 -8.36 -7.77
C PHE A 185 -11.30 -9.59 -8.37
N LEU A 186 -10.79 -10.08 -9.50
CA LEU A 186 -11.38 -11.25 -10.22
C LEU A 186 -11.22 -12.48 -9.34
N TRP A 187 -10.10 -12.61 -8.63
CA TRP A 187 -9.87 -13.68 -7.65
C TRP A 187 -10.93 -13.58 -6.56
N TYR A 188 -11.10 -12.35 -6.04
CA TYR A 188 -11.94 -12.06 -4.87
C TYR A 188 -13.37 -12.51 -5.18
N VAL A 189 -13.89 -12.12 -6.35
CA VAL A 189 -15.27 -12.50 -6.73
C VAL A 189 -15.34 -14.03 -6.93
N LYS A 190 -14.40 -14.60 -7.67
CA LYS A 190 -14.44 -16.05 -7.92
C LYS A 190 -14.36 -16.86 -6.60
N GLN A 191 -13.48 -16.52 -5.64
CA GLN A 191 -13.36 -17.30 -4.38
C GLN A 191 -14.60 -17.14 -3.49
N CYS A 192 -15.57 -16.27 -3.83
CA CYS A 192 -16.89 -16.20 -3.16
C CYS A 192 -17.95 -16.98 -3.94
N GLY A 193 -17.61 -17.66 -5.04
CA GLY A 193 -18.56 -18.43 -5.87
C GLY A 193 -19.09 -17.63 -7.06
N GLY A 194 -18.52 -16.46 -7.34
CA GLY A 194 -18.84 -15.72 -8.59
C GLY A 194 -19.83 -14.59 -8.37
N THR A 195 -20.15 -13.87 -9.44
CA THR A 195 -20.83 -12.56 -9.34
C THR A 195 -22.22 -12.75 -8.75
N THR A 196 -22.97 -13.75 -9.20
CA THR A 196 -24.36 -13.91 -8.73
C THR A 196 -24.36 -14.16 -7.22
N ARG A 197 -23.56 -15.09 -6.77
CA ARG A 197 -23.48 -15.45 -5.33
C ARG A 197 -23.08 -14.22 -4.52
N ILE A 198 -22.09 -13.46 -4.96
CA ILE A 198 -21.57 -12.35 -4.11
C ILE A 198 -22.60 -11.20 -4.04
N ILE A 199 -23.39 -10.94 -5.09
CA ILE A 199 -24.28 -9.75 -5.13
C ILE A 199 -25.68 -10.05 -4.59
N SER A 200 -26.08 -11.31 -4.40
CA SER A 200 -27.47 -11.69 -4.10
C SER A 200 -27.75 -11.59 -2.60
N THR A 201 -28.97 -11.21 -2.28
CA THR A 201 -29.57 -11.34 -0.94
C THR A 201 -30.12 -12.78 -0.85
N THR A 202 -31.33 -13.01 -1.33
CA THR A 202 -31.86 -14.38 -1.57
C THR A 202 -30.82 -15.19 -2.36
N ASN A 203 -30.41 -16.32 -1.82
CA ASN A 203 -29.43 -17.26 -2.43
C ASN A 203 -28.00 -16.71 -2.49
N GLY A 204 -27.66 -15.62 -1.78
CA GLY A 204 -26.32 -15.03 -1.85
C GLY A 204 -25.73 -14.65 -0.50
N GLY A 205 -24.64 -13.88 -0.54
CA GLY A 205 -23.89 -13.42 0.64
C GLY A 205 -24.70 -12.65 1.65
N GLN A 206 -25.76 -11.95 1.22
CA GLN A 206 -26.52 -11.02 2.08
C GLN A 206 -27.86 -11.64 2.52
N GLU A 207 -28.03 -12.96 2.47
CA GLU A 207 -29.36 -13.58 2.68
C GLU A 207 -29.79 -13.40 4.13
N ARG A 208 -28.86 -13.56 5.06
CA ARG A 208 -29.19 -13.67 6.51
C ARG A 208 -28.27 -12.85 7.42
N LYS A 209 -28.75 -12.64 8.65
CA LYS A 209 -28.08 -12.03 9.80
C LYS A 209 -28.31 -12.95 11.01
N PHE A 210 -27.45 -12.86 12.00
CA PHE A 210 -27.63 -13.54 13.31
C PHE A 210 -28.64 -12.76 14.15
N VAL A 211 -29.58 -13.53 14.70
CA VAL A 211 -30.47 -13.05 15.79
C VAL A 211 -29.59 -12.66 16.99
N GLY A 212 -29.64 -11.38 17.36
CA GLY A 212 -28.86 -10.83 18.49
C GLY A 212 -27.56 -10.20 18.05
N GLY A 213 -27.15 -10.37 16.78
CA GLY A 213 -25.91 -9.76 16.26
C GLY A 213 -24.73 -10.74 16.14
N SER A 214 -23.82 -10.46 15.21
CA SER A 214 -22.67 -11.32 14.86
C SER A 214 -21.62 -11.27 15.97
N GLY A 215 -21.57 -10.18 16.75
CA GLY A 215 -20.69 -10.01 17.91
C GLY A 215 -20.75 -11.17 18.90
N GLN A 216 -21.89 -11.85 18.99
CA GLN A 216 -22.11 -13.01 19.89
C GLN A 216 -21.17 -14.17 19.51
N VAL A 217 -20.71 -14.24 18.28
CA VAL A 217 -19.83 -15.39 17.88
C VAL A 217 -18.56 -15.31 18.73
N SER A 218 -17.91 -14.15 18.72
CA SER A 218 -16.65 -13.92 19.44
C SER A 218 -16.89 -13.92 20.96
N GLU A 219 -17.99 -13.30 21.41
CA GLU A 219 -18.33 -13.22 22.85
C GLU A 219 -18.52 -14.63 23.42
N ARG A 220 -19.27 -15.50 22.72
CA ARG A 220 -19.61 -16.85 23.23
C ARG A 220 -18.35 -17.72 23.25
N ILE A 221 -17.45 -17.58 22.27
CA ILE A 221 -16.16 -18.32 22.33
C ILE A 221 -15.33 -17.81 23.52
N MET A 222 -15.35 -16.51 23.81
CA MET A 222 -14.66 -15.94 24.99
C MET A 222 -15.24 -16.56 26.29
N ASP A 223 -16.56 -16.72 26.37
CA ASP A 223 -17.25 -17.36 27.54
C ASP A 223 -16.70 -18.78 27.75
N LEU A 224 -16.53 -19.56 26.68
CA LEU A 224 -15.99 -20.94 26.72
C LEU A 224 -14.53 -20.94 27.15
N LEU A 225 -13.77 -19.89 26.85
CA LEU A 225 -12.31 -19.85 27.06
C LEU A 225 -11.97 -19.30 28.45
N GLY A 226 -12.89 -18.52 29.06
CA GLY A 226 -12.72 -17.81 30.33
C GLY A 226 -11.55 -16.85 30.29
N ASP A 227 -10.69 -16.96 31.32
CA ASP A 227 -9.55 -16.05 31.62
C ASP A 227 -8.44 -16.19 30.56
N ARG A 228 -8.49 -17.19 29.70
CA ARG A 228 -7.48 -17.39 28.62
C ARG A 228 -7.52 -16.23 27.61
N VAL A 229 -8.61 -15.47 27.51
CA VAL A 229 -8.69 -14.27 26.63
C VAL A 229 -8.24 -13.05 27.44
N LYS A 230 -7.29 -12.28 26.91
CA LYS A 230 -6.72 -11.09 27.58
C LYS A 230 -7.05 -9.86 26.74
N LEU A 231 -7.97 -9.04 27.23
CA LEU A 231 -8.35 -7.76 26.62
C LEU A 231 -7.33 -6.67 26.95
N GLU A 232 -7.21 -5.68 26.07
CA GLU A 232 -6.30 -4.52 26.21
C GLU A 232 -4.87 -5.04 26.36
N ARG A 233 -4.51 -6.09 25.61
CA ARG A 233 -3.13 -6.59 25.44
C ARG A 233 -2.74 -6.45 23.97
N PRO A 234 -2.50 -5.23 23.46
CA PRO A 234 -1.93 -5.06 22.13
C PRO A 234 -0.52 -5.68 22.11
N VAL A 235 -0.27 -6.59 21.19
CA VAL A 235 1.08 -7.22 21.01
C VAL A 235 2.00 -6.23 20.28
N ILE A 236 3.20 -6.01 20.84
CA ILE A 236 4.21 -5.04 20.32
C ILE A 236 5.47 -5.76 19.82
N TYR A 237 5.70 -7.01 20.21
CA TYR A 237 7.02 -7.64 20.03
C TYR A 237 6.85 -9.16 20.02
N ILE A 238 7.43 -9.80 19.00
CA ILE A 238 7.52 -11.28 18.94
C ILE A 238 8.99 -11.63 18.75
N ASP A 239 9.48 -12.51 19.62
CA ASP A 239 10.89 -12.98 19.62
C ASP A 239 10.93 -14.48 19.39
N GLN A 240 11.57 -14.91 18.29
CA GLN A 240 11.70 -16.34 17.94
C GLN A 240 13.17 -16.81 18.03
N THR A 241 14.08 -16.06 18.66
CA THR A 241 15.53 -16.42 18.71
C THR A 241 15.76 -17.59 19.67
N ARG A 242 14.84 -17.86 20.61
CA ARG A 242 15.01 -18.89 21.68
C ARG A 242 14.07 -20.08 21.47
N GLU A 243 14.19 -21.08 22.36
CA GLU A 243 13.49 -22.39 22.24
C GLU A 243 11.98 -22.15 22.20
N ASN A 244 11.48 -21.29 23.08
CA ASN A 244 10.06 -20.88 23.14
C ASN A 244 9.94 -19.50 22.52
N VAL A 245 8.81 -19.29 21.85
CA VAL A 245 8.44 -17.97 21.27
C VAL A 245 8.07 -17.04 22.42
N LEU A 246 8.60 -15.83 22.42
CA LEU A 246 8.26 -14.78 23.40
C LEU A 246 7.37 -13.74 22.72
N VAL A 247 6.22 -13.46 23.32
CA VAL A 247 5.26 -12.45 22.81
C VAL A 247 5.08 -11.40 23.90
N GLU A 248 5.40 -10.14 23.61
CA GLU A 248 5.25 -9.04 24.58
C GLU A 248 4.12 -8.10 24.19
N THR A 249 3.41 -7.59 25.20
CA THR A 249 2.25 -6.67 25.06
C THR A 249 2.68 -5.26 25.47
N LEU A 250 1.85 -4.28 25.10
CA LEU A 250 2.05 -2.84 25.36
C LEU A 250 1.98 -2.55 26.87
N ASN A 251 1.21 -3.34 27.63
CA ASN A 251 1.09 -3.19 29.10
C ASN A 251 2.21 -3.99 29.80
N HIS A 252 3.26 -4.37 29.07
CA HIS A 252 4.53 -4.93 29.60
C HIS A 252 4.39 -6.38 30.09
N GLU A 253 3.33 -7.10 29.73
CA GLU A 253 3.23 -8.56 30.03
C GLU A 253 4.00 -9.33 28.97
N MET A 254 4.57 -10.47 29.37
CA MET A 254 5.34 -11.39 28.51
C MET A 254 4.58 -12.72 28.44
N TYR A 255 4.38 -13.26 27.24
CA TYR A 255 3.81 -14.62 27.05
C TYR A 255 4.84 -15.46 26.31
N GLU A 256 4.89 -16.71 26.71
CA GLU A 256 5.85 -17.71 26.20
C GLU A 256 5.04 -18.90 25.67
N ALA A 257 5.23 -19.26 24.40
CA ALA A 257 4.44 -20.32 23.74
C ALA A 257 5.36 -21.15 22.84
N LYS A 258 4.88 -22.30 22.38
CA LYS A 258 5.57 -23.12 21.34
C LYS A 258 5.32 -22.49 19.95
N TYR A 259 4.13 -21.94 19.73
CA TYR A 259 3.68 -21.42 18.41
C TYR A 259 2.79 -20.21 18.63
N VAL A 260 2.72 -19.38 17.60
CA VAL A 260 1.84 -18.19 17.52
C VAL A 260 0.98 -18.31 16.27
N ILE A 261 -0.30 -18.01 16.40
CA ILE A 261 -1.18 -17.61 15.27
C ILE A 261 -1.30 -16.08 15.31
N SER A 262 -0.85 -15.42 14.26
CA SER A 262 -1.21 -14.02 13.91
C SER A 262 -2.60 -13.99 13.22
N ALA A 263 -3.64 -13.52 13.92
CA ALA A 263 -5.03 -13.47 13.42
C ALA A 263 -5.49 -12.00 13.29
N ILE A 264 -4.60 -11.17 12.72
CA ILE A 264 -4.79 -9.71 12.52
C ILE A 264 -4.66 -9.44 11.02
N PRO A 265 -5.31 -8.38 10.50
CA PRO A 265 -5.11 -7.99 9.10
C PRO A 265 -3.63 -7.97 8.78
N PRO A 266 -3.20 -8.45 7.60
CA PRO A 266 -1.78 -8.48 7.25
C PRO A 266 -1.02 -7.19 7.56
N THR A 267 -1.53 -6.03 7.16
CA THR A 267 -0.78 -4.76 7.33
C THR A 267 -0.60 -4.44 8.82
N LEU A 268 -1.52 -4.87 9.69
CA LEU A 268 -1.45 -4.59 11.16
C LEU A 268 -0.30 -5.39 11.80
N GLY A 269 0.28 -6.37 11.11
CA GLY A 269 1.59 -6.96 11.48
C GLY A 269 2.73 -5.93 11.59
N MET A 270 2.58 -4.77 10.97
CA MET A 270 3.53 -3.63 11.06
C MET A 270 3.62 -3.13 12.51
N LYS A 271 2.58 -3.34 13.32
CA LYS A 271 2.50 -2.79 14.69
C LYS A 271 3.38 -3.63 15.62
N ILE A 272 3.92 -4.73 15.12
CA ILE A 272 4.75 -5.70 15.89
C ILE A 272 6.19 -5.56 15.44
N HIS A 273 7.10 -5.45 16.41
CA HIS A 273 8.56 -5.48 16.19
C HIS A 273 8.96 -6.95 16.22
N PHE A 274 9.64 -7.43 15.18
CA PHE A 274 9.99 -8.86 15.06
C PHE A 274 11.49 -9.03 15.30
N ASN A 275 11.81 -10.08 16.06
CA ASN A 275 13.19 -10.59 16.28
C ASN A 275 13.19 -12.09 16.06
N PRO A 276 13.93 -12.61 15.05
CA PRO A 276 14.72 -11.79 14.12
C PRO A 276 13.79 -11.04 13.17
N PRO A 277 14.32 -10.17 12.29
CA PRO A 277 13.46 -9.41 11.37
C PRO A 277 12.66 -10.37 10.47
N LEU A 278 11.48 -9.98 10.01
CA LEU A 278 10.73 -10.82 9.04
C LEU A 278 11.62 -11.08 7.83
N PRO A 279 11.44 -12.21 7.12
CA PRO A 279 12.03 -12.35 5.79
C PRO A 279 11.57 -11.22 4.85
N MET A 280 12.38 -10.97 3.83
CA MET A 280 12.26 -9.79 2.93
C MET A 280 10.84 -9.69 2.35
N MET A 281 10.33 -10.78 1.81
CA MET A 281 9.06 -10.73 1.06
C MET A 281 7.92 -10.36 2.02
N ARG A 282 7.86 -10.95 3.22
CA ARG A 282 6.77 -10.53 4.16
C ARG A 282 7.00 -9.09 4.65
N ASN A 283 8.26 -8.75 4.93
CA ASN A 283 8.64 -7.39 5.37
C ASN A 283 8.00 -6.34 4.46
N GLN A 284 8.09 -6.54 3.15
CA GLN A 284 7.59 -5.56 2.17
C GLN A 284 6.10 -5.78 1.97
N MET A 285 5.63 -7.03 1.96
CA MET A 285 4.20 -7.34 1.64
C MET A 285 3.30 -6.54 2.61
N ILE A 286 3.68 -6.46 3.89
CA ILE A 286 2.79 -5.87 4.94
C ILE A 286 2.78 -4.34 4.88
N THR A 287 3.55 -3.74 3.96
CA THR A 287 3.49 -2.27 3.65
C THR A 287 2.67 -2.00 2.38
N ARG A 288 2.16 -3.05 1.70
CA ARG A 288 1.59 -2.96 0.35
C ARG A 288 0.12 -3.37 0.33
N VAL A 289 -0.52 -3.60 1.48
CA VAL A 289 -1.86 -4.26 1.54
C VAL A 289 -2.76 -3.46 2.46
N PRO A 290 -3.27 -2.33 1.96
CA PRO A 290 -4.21 -1.50 2.72
C PRO A 290 -5.59 -2.15 2.83
N LEU A 291 -6.40 -1.70 3.79
CA LEU A 291 -7.85 -2.04 3.89
C LEU A 291 -8.67 -0.91 3.25
N GLY A 292 -9.88 -1.25 2.82
CA GLY A 292 -10.81 -0.31 2.20
C GLY A 292 -11.43 0.63 3.19
N SER A 293 -12.30 1.50 2.70
CA SER A 293 -12.84 2.65 3.45
C SER A 293 -14.36 2.58 3.42
N VAL A 294 -14.99 2.59 4.60
CA VAL A 294 -16.46 2.49 4.63
C VAL A 294 -16.97 3.08 5.94
N ILE A 295 -18.09 3.80 5.84
CA ILE A 295 -18.96 4.16 7.01
C ILE A 295 -20.25 3.36 6.85
N LYS A 296 -20.60 2.61 7.88
CA LYS A 296 -21.87 1.87 7.95
C LYS A 296 -22.82 2.71 8.78
N CYS A 297 -23.97 3.04 8.20
CA CYS A 297 -24.96 4.00 8.73
C CYS A 297 -26.31 3.30 8.82
N ILE A 298 -26.94 3.36 9.98
CA ILE A 298 -28.30 2.79 10.18
C ILE A 298 -29.25 3.91 10.63
N VAL A 299 -30.22 4.22 9.78
CA VAL A 299 -31.25 5.25 10.10
C VAL A 299 -32.50 4.51 10.57
N TYR A 300 -33.02 4.82 11.74
CA TYR A 300 -34.22 4.17 12.31
C TYR A 300 -35.47 5.01 12.03
N TYR A 301 -36.58 4.30 11.83
CA TYR A 301 -37.91 4.87 11.52
C TYR A 301 -38.96 4.22 12.41
N LYS A 302 -40.09 4.89 12.55
CA LYS A 302 -41.27 4.44 13.35
C LYS A 302 -41.72 3.09 12.81
N GLU A 303 -41.77 2.94 11.48
CA GLU A 303 -42.29 1.75 10.76
C GLU A 303 -41.49 1.55 9.48
N PRO A 304 -41.47 0.32 8.92
CA PRO A 304 -40.80 0.07 7.63
C PRO A 304 -41.72 0.50 6.48
N PHE A 305 -41.89 1.82 6.36
CA PHE A 305 -42.90 2.49 5.51
C PHE A 305 -42.66 2.11 4.04
N TRP A 306 -41.40 1.83 3.65
CA TRP A 306 -41.03 1.44 2.25
C TRP A 306 -41.80 0.18 1.82
N ARG A 307 -42.03 -0.76 2.73
CA ARG A 307 -42.74 -2.03 2.41
C ARG A 307 -44.15 -1.73 1.91
N LYS A 308 -44.79 -0.67 2.43
CA LYS A 308 -46.19 -0.30 2.11
C LYS A 308 -46.25 0.26 0.68
N LYS A 309 -45.14 0.70 0.10
CA LYS A 309 -45.03 1.06 -1.36
C LYS A 309 -44.47 -0.12 -2.16
N ASP A 310 -44.35 -1.30 -1.54
CA ASP A 310 -43.88 -2.52 -2.19
C ASP A 310 -42.40 -2.34 -2.60
N TYR A 311 -41.61 -1.73 -1.71
CA TYR A 311 -40.14 -1.67 -1.78
C TYR A 311 -39.57 -2.47 -0.61
N CYS A 312 -38.62 -3.38 -0.81
CA CYS A 312 -38.07 -4.20 0.31
C CYS A 312 -37.09 -3.39 1.16
N GLY A 313 -36.57 -2.28 0.62
CA GLY A 313 -35.61 -1.44 1.34
C GLY A 313 -34.25 -1.48 0.68
N THR A 314 -34.05 -2.39 -0.28
CA THR A 314 -32.81 -2.48 -1.09
C THR A 314 -32.79 -1.37 -2.14
N MET A 315 -31.76 -0.53 -2.10
CA MET A 315 -31.57 0.58 -3.07
C MET A 315 -30.15 0.46 -3.60
N ILE A 316 -30.04 0.45 -4.93
CA ILE A 316 -28.77 0.48 -5.68
C ILE A 316 -28.71 1.85 -6.36
N ILE A 317 -27.85 2.71 -5.84
CA ILE A 317 -27.92 4.17 -6.08
C ILE A 317 -26.63 4.56 -6.78
N ASP A 318 -26.75 4.85 -8.07
CA ASP A 318 -25.68 5.39 -8.93
C ASP A 318 -25.61 6.91 -8.81
N GLY A 319 -24.41 7.48 -8.83
CA GLY A 319 -24.19 8.93 -8.86
C GLY A 319 -23.08 9.33 -7.91
N GLU A 320 -22.36 10.40 -8.27
CA GLU A 320 -21.33 11.03 -7.39
C GLU A 320 -22.03 11.71 -6.21
N GLU A 321 -23.22 12.29 -6.41
CA GLU A 321 -23.90 13.13 -5.37
C GLU A 321 -24.43 12.24 -4.25
N ALA A 322 -24.82 10.99 -4.52
CA ALA A 322 -25.41 10.13 -3.47
C ALA A 322 -24.33 9.80 -2.43
N PRO A 323 -24.51 10.12 -1.12
CA PRO A 323 -23.55 9.67 -0.13
C PRO A 323 -23.52 8.13 0.01
N VAL A 324 -24.65 7.46 -0.23
CA VAL A 324 -24.83 5.99 -0.04
C VAL A 324 -25.08 5.35 -1.40
N ALA A 325 -24.33 4.32 -1.80
CA ALA A 325 -24.57 3.63 -3.09
C ALA A 325 -25.43 2.37 -2.89
N TYR A 326 -25.55 1.86 -1.66
CA TYR A 326 -26.31 0.61 -1.42
C TYR A 326 -26.99 0.61 -0.05
N THR A 327 -28.22 0.13 0.01
CA THR A 327 -28.96 -0.02 1.28
C THR A 327 -29.61 -1.39 1.35
N LEU A 328 -29.88 -1.85 2.58
CA LEU A 328 -30.73 -3.03 2.88
C LEU A 328 -31.67 -2.66 4.03
N ASP A 329 -32.88 -3.21 4.01
CA ASP A 329 -33.78 -3.27 5.20
C ASP A 329 -32.98 -3.87 6.36
N ASP A 330 -32.95 -3.19 7.50
CA ASP A 330 -32.27 -3.71 8.73
C ASP A 330 -33.29 -3.82 9.87
N THR A 331 -34.56 -3.84 9.55
CA THR A 331 -35.69 -4.08 10.50
C THR A 331 -35.50 -5.43 11.21
N LYS A 332 -35.83 -5.50 12.50
CA LYS A 332 -35.76 -6.77 13.26
C LYS A 332 -36.73 -7.78 12.66
N PRO A 333 -36.49 -9.07 12.87
CA PRO A 333 -37.37 -10.12 12.31
C PRO A 333 -38.80 -10.03 12.84
N GLU A 334 -38.98 -9.46 14.03
CA GLU A 334 -40.30 -9.25 14.68
C GLU A 334 -41.08 -8.17 13.91
N GLY A 335 -40.41 -7.40 13.05
CA GLY A 335 -41.03 -6.28 12.30
C GLY A 335 -40.85 -4.95 13.02
N ASN A 336 -40.17 -4.90 14.19
CA ASN A 336 -40.00 -3.64 14.96
C ASN A 336 -38.55 -3.12 14.80
N TYR A 337 -38.27 -1.95 15.36
CA TYR A 337 -37.01 -1.17 15.19
C TYR A 337 -36.74 -1.04 13.67
N ALA A 338 -37.74 -0.60 12.91
CA ALA A 338 -37.63 -0.32 11.46
C ALA A 338 -36.36 0.50 11.19
N ALA A 339 -35.55 0.09 10.22
CA ALA A 339 -34.24 0.71 9.96
C ALA A 339 -33.82 0.45 8.51
N ILE A 340 -33.14 1.43 7.92
CA ILE A 340 -32.37 1.27 6.65
C ILE A 340 -30.89 1.31 7.01
N MET A 341 -30.15 0.28 6.58
CA MET A 341 -28.67 0.16 6.62
C MET A 341 -28.12 0.66 5.29
N GLY A 342 -27.18 1.60 5.32
CA GLY A 342 -26.47 2.04 4.12
C GLY A 342 -24.99 2.11 4.32
N PHE A 343 -24.24 1.94 3.22
CA PHE A 343 -22.77 2.04 3.19
C PHE A 343 -22.38 3.31 2.45
N ILE A 344 -21.55 4.12 3.11
CA ILE A 344 -20.78 5.21 2.46
C ILE A 344 -19.43 4.62 2.09
N LEU A 345 -19.13 4.56 0.77
CA LEU A 345 -18.02 3.74 0.20
C LEU A 345 -16.82 4.56 -0.28
N ALA A 346 -15.63 4.03 -0.02
CA ALA A 346 -14.34 4.36 -0.68
C ALA A 346 -14.11 5.89 -0.57
N HIS A 347 -14.00 6.65 -1.65
CA HIS A 347 -13.66 8.10 -1.53
C HIS A 347 -14.78 8.85 -0.78
N LYS A 348 -16.04 8.44 -0.85
CA LYS A 348 -17.11 9.17 -0.10
C LYS A 348 -16.97 9.00 1.42
N ALA A 349 -16.37 7.90 1.89
CA ALA A 349 -16.11 7.66 3.33
C ALA A 349 -15.10 8.71 3.79
N ARG A 350 -14.08 8.97 2.97
CA ARG A 350 -13.05 10.02 3.23
C ARG A 350 -13.73 11.40 3.20
N LYS A 351 -14.40 11.72 2.09
CA LYS A 351 -15.03 13.05 1.88
C LYS A 351 -16.02 13.38 3.02
N LEU A 352 -16.97 12.48 3.34
CA LEU A 352 -18.11 12.81 4.24
C LEU A 352 -17.75 12.61 5.72
N ALA A 353 -16.59 12.04 6.03
CA ALA A 353 -16.09 11.94 7.42
C ALA A 353 -15.87 13.34 8.01
N ARG A 354 -15.65 14.35 7.17
CA ARG A 354 -15.51 15.79 7.52
C ARG A 354 -16.80 16.34 8.16
N LEU A 355 -17.97 15.75 7.90
CA LEU A 355 -19.27 16.29 8.38
C LEU A 355 -19.51 15.85 9.83
N THR A 356 -20.49 16.47 10.48
CA THR A 356 -20.99 16.00 11.80
C THR A 356 -21.87 14.77 11.55
N LYS A 357 -22.11 13.98 12.60
CA LYS A 357 -23.09 12.87 12.61
C LYS A 357 -24.44 13.42 12.12
N GLU A 358 -24.87 14.59 12.61
CA GLU A 358 -26.21 15.16 12.31
C GLU A 358 -26.28 15.56 10.82
N GLU A 359 -25.20 16.13 10.28
CA GLU A 359 -25.11 16.46 8.84
C GLU A 359 -25.14 15.18 7.98
N ARG A 360 -24.43 14.12 8.35
CA ARG A 360 -24.53 12.84 7.59
C ARG A 360 -25.98 12.32 7.69
N LEU A 361 -26.58 12.30 8.86
CA LEU A 361 -27.97 11.80 9.00
C LEU A 361 -28.88 12.56 8.02
N LYS A 362 -28.73 13.88 7.94
CA LYS A 362 -29.60 14.75 7.10
C LYS A 362 -29.41 14.40 5.62
N LYS A 363 -28.16 14.28 5.16
CA LYS A 363 -27.85 13.89 3.76
C LYS A 363 -28.49 12.53 3.44
N LEU A 364 -28.38 11.54 4.35
CA LEU A 364 -28.94 10.18 4.09
C LEU A 364 -30.47 10.26 3.99
N CYS A 365 -31.15 10.96 4.89
CA CYS A 365 -32.63 11.10 4.88
C CYS A 365 -33.07 11.77 3.58
N GLU A 366 -32.35 12.78 3.13
CA GLU A 366 -32.73 13.49 1.88
C GLU A 366 -32.59 12.53 0.70
N LEU A 367 -31.51 11.75 0.65
CA LEU A 367 -31.30 10.76 -0.43
C LEU A 367 -32.46 9.72 -0.40
N TYR A 368 -32.77 9.18 0.78
CA TYR A 368 -33.77 8.08 0.93
C TYR A 368 -35.14 8.61 0.52
N ALA A 369 -35.45 9.84 0.90
CA ALA A 369 -36.71 10.53 0.57
C ALA A 369 -36.90 10.51 -0.95
N LYS A 370 -35.89 10.97 -1.68
CA LYS A 370 -35.96 11.05 -3.16
C LYS A 370 -36.02 9.64 -3.75
N VAL A 371 -35.18 8.72 -3.28
CA VAL A 371 -35.06 7.38 -3.91
C VAL A 371 -36.34 6.58 -3.69
N LEU A 372 -36.91 6.67 -2.50
CA LEU A 372 -38.17 5.97 -2.12
C LEU A 372 -39.41 6.80 -2.50
N GLY A 373 -39.26 8.03 -3.00
CA GLY A 373 -40.39 8.93 -3.28
C GLY A 373 -41.26 9.13 -2.04
N SER A 374 -40.63 9.29 -0.86
CA SER A 374 -41.30 9.26 0.46
C SER A 374 -40.83 10.36 1.40
N LEU A 375 -41.72 11.30 1.74
CA LEU A 375 -41.46 12.32 2.78
C LEU A 375 -41.25 11.66 4.16
N GLU A 376 -41.79 10.48 4.43
CA GLU A 376 -41.60 9.78 5.73
C GLU A 376 -40.12 9.54 6.02
N ALA A 377 -39.28 9.44 4.99
CA ALA A 377 -37.83 9.18 5.11
C ALA A 377 -37.13 10.36 5.78
N LEU A 378 -37.78 11.54 5.83
CA LEU A 378 -37.21 12.74 6.50
C LEU A 378 -37.55 12.72 7.99
N GLU A 379 -38.22 11.69 8.52
CA GLU A 379 -38.64 11.61 9.95
C GLU A 379 -37.95 10.46 10.70
N PRO A 380 -36.60 10.45 10.78
CA PRO A 380 -35.88 9.38 11.49
C PRO A 380 -36.10 9.47 13.01
N VAL A 381 -36.11 8.35 13.72
CA VAL A 381 -36.33 8.34 15.20
C VAL A 381 -34.99 8.14 15.90
N HIS A 382 -33.95 7.71 15.18
CA HIS A 382 -32.62 7.36 15.74
C HIS A 382 -31.64 7.13 14.59
N TYR A 383 -30.35 7.16 14.91
CA TYR A 383 -29.22 7.04 13.96
C TYR A 383 -28.05 6.38 14.68
N GLU A 384 -27.44 5.38 14.06
CA GLU A 384 -26.17 4.78 14.51
C GLU A 384 -25.25 4.73 13.30
N GLU A 385 -23.97 4.94 13.49
CA GLU A 385 -23.01 4.88 12.37
C GLU A 385 -21.66 4.43 12.92
N LYS A 386 -20.81 3.85 12.08
CA LYS A 386 -19.41 3.59 12.45
C LYS A 386 -18.52 3.78 11.24
N ASN A 387 -17.52 4.63 11.40
CA ASN A 387 -16.48 4.85 10.37
C ASN A 387 -15.32 3.94 10.74
N TRP A 388 -15.10 2.90 9.94
CA TRP A 388 -14.04 1.90 10.20
C TRP A 388 -12.66 2.43 9.79
N CYS A 389 -12.60 3.54 9.05
CA CYS A 389 -11.30 4.17 8.69
C CYS A 389 -10.53 4.61 9.93
N GLU A 390 -11.20 4.86 11.07
CA GLU A 390 -10.56 5.50 12.24
C GLU A 390 -10.04 4.44 13.21
N GLU A 391 -10.19 3.16 12.91
CA GLU A 391 -9.85 2.06 13.85
C GLU A 391 -8.36 1.73 13.73
N GLN A 392 -7.58 2.13 14.74
CA GLN A 392 -6.12 1.79 14.82
C GLN A 392 -5.95 0.26 14.64
N TYR A 393 -6.82 -0.56 15.23
CA TYR A 393 -6.60 -2.03 15.28
C TYR A 393 -7.45 -2.76 14.25
N SER A 394 -8.03 -2.06 13.25
CA SER A 394 -8.61 -2.66 12.01
C SER A 394 -7.89 -2.13 10.76
N GLY A 395 -7.67 -0.81 10.67
CA GLY A 395 -7.11 -0.14 9.49
C GLY A 395 -8.15 0.22 8.44
N GLY A 396 -9.38 -0.30 8.56
CA GLY A 396 -10.49 -0.08 7.61
C GLY A 396 -11.41 -1.30 7.56
N CYS A 397 -12.28 -1.36 6.55
CA CYS A 397 -13.24 -2.45 6.31
C CYS A 397 -13.66 -2.40 4.83
N TYR A 398 -14.20 -3.50 4.30
CA TYR A 398 -14.41 -4.75 5.01
C TYR A 398 -13.08 -5.49 5.20
N THR A 399 -12.18 -5.33 4.23
CA THR A 399 -11.00 -6.21 4.12
C THR A 399 -9.88 -5.50 3.36
N THR A 400 -8.80 -6.26 3.24
CA THR A 400 -7.55 -5.91 2.56
C THR A 400 -7.78 -6.00 1.06
N TYR A 401 -7.38 -4.96 0.33
CA TYR A 401 -7.33 -5.03 -1.15
C TYR A 401 -5.86 -5.00 -1.59
N PHE A 402 -5.62 -5.49 -2.80
CA PHE A 402 -4.28 -5.50 -3.43
C PHE A 402 -4.28 -4.51 -4.58
N PRO A 403 -3.42 -3.48 -4.49
CA PRO A 403 -3.12 -2.63 -5.63
C PRO A 403 -2.42 -3.35 -6.76
N PRO A 404 -2.37 -2.75 -7.95
CA PRO A 404 -1.72 -3.37 -9.09
C PRO A 404 -0.30 -3.82 -8.73
N GLY A 405 0.01 -5.04 -9.15
CA GLY A 405 1.38 -5.60 -9.16
C GLY A 405 1.71 -6.38 -7.91
N ILE A 406 0.86 -6.31 -6.89
CA ILE A 406 1.22 -6.79 -5.54
C ILE A 406 0.91 -8.29 -5.41
N LEU A 407 -0.25 -8.76 -5.87
CA LEU A 407 -0.69 -10.17 -5.68
C LEU A 407 0.26 -11.14 -6.38
N THR A 408 0.83 -10.77 -7.54
CA THR A 408 1.77 -11.66 -8.27
C THR A 408 3.16 -11.64 -7.59
N GLN A 409 3.58 -10.54 -6.98
CA GLN A 409 4.95 -10.43 -6.44
C GLN A 409 5.00 -10.97 -5.03
N TYR A 410 3.93 -10.81 -4.25
CA TYR A 410 3.96 -11.00 -2.78
C TYR A 410 2.89 -11.96 -2.27
N GLY A 411 1.94 -12.38 -3.11
CA GLY A 411 0.76 -13.16 -2.71
C GLY A 411 1.11 -14.51 -2.12
N ARG A 412 2.15 -15.16 -2.63
CA ARG A 412 2.56 -16.49 -2.12
C ARG A 412 2.94 -16.42 -0.63
N VAL A 413 3.25 -15.26 -0.04
CA VAL A 413 3.76 -15.31 1.36
C VAL A 413 2.64 -14.97 2.37
N LEU A 414 1.45 -14.57 1.91
CA LEU A 414 0.29 -14.23 2.79
C LEU A 414 0.14 -15.24 3.94
N ARG A 415 0.05 -16.53 3.63
CA ARG A 415 -0.17 -17.57 4.68
C ARG A 415 1.06 -18.51 4.81
N GLN A 416 2.22 -18.09 4.33
CA GLN A 416 3.47 -18.87 4.55
C GLN A 416 3.93 -18.65 6.01
N PRO A 417 4.04 -19.74 6.82
CA PRO A 417 4.57 -19.63 8.18
C PRO A 417 5.94 -18.94 8.22
N VAL A 418 6.19 -18.19 9.29
CA VAL A 418 7.52 -17.58 9.55
C VAL A 418 8.05 -18.25 10.82
N ASP A 419 8.81 -19.32 10.63
CA ASP A 419 9.37 -20.17 11.70
C ASP A 419 8.18 -20.75 12.48
N ARG A 420 7.83 -20.21 13.63
CA ARG A 420 6.73 -20.78 14.48
C ARG A 420 5.52 -19.84 14.56
N ILE A 421 5.48 -18.83 13.69
CA ILE A 421 4.27 -17.97 13.48
C ILE A 421 3.48 -18.52 12.29
N TYR A 422 2.19 -18.80 12.50
CA TYR A 422 1.22 -19.22 11.46
C TYR A 422 0.23 -18.07 11.29
N PHE A 423 -0.32 -17.90 10.10
CA PHE A 423 -1.20 -16.76 9.74
C PHE A 423 -2.63 -17.21 9.49
N ALA A 424 -3.53 -16.67 10.31
CA ALA A 424 -5.00 -16.76 10.19
C ALA A 424 -5.49 -15.38 9.70
N GLY A 425 -6.73 -15.04 10.00
CA GLY A 425 -7.39 -13.82 9.50
C GLY A 425 -8.04 -14.07 8.17
N THR A 426 -9.15 -13.40 7.91
CA THR A 426 -9.99 -13.69 6.73
C THR A 426 -9.14 -13.50 5.45
N GLU A 427 -8.17 -12.61 5.45
CA GLU A 427 -7.35 -12.32 4.25
C GLU A 427 -6.60 -13.57 3.76
N THR A 428 -6.41 -14.60 4.61
CA THR A 428 -5.63 -15.84 4.25
C THR A 428 -6.55 -16.99 3.84
N ALA A 429 -7.87 -16.76 3.81
CA ALA A 429 -8.88 -17.76 3.39
C ALA A 429 -8.86 -17.94 1.86
N THR A 430 -9.34 -19.11 1.40
CA THR A 430 -9.43 -19.47 -0.03
C THR A 430 -10.89 -19.53 -0.48
N HIS A 431 -11.85 -19.41 0.45
CA HIS A 431 -13.31 -19.35 0.17
C HIS A 431 -13.92 -18.29 1.08
N TRP A 432 -14.55 -17.27 0.50
CA TRP A 432 -15.12 -16.10 1.22
C TRP A 432 -14.04 -15.42 2.09
N SER A 433 -12.79 -15.38 1.63
CA SER A 433 -11.82 -14.39 2.12
C SER A 433 -12.51 -13.02 2.10
N GLY A 434 -12.28 -12.22 3.16
CA GLY A 434 -12.89 -10.91 3.35
C GLY A 434 -14.13 -10.95 4.24
N TYR A 435 -14.67 -12.15 4.48
CA TYR A 435 -15.93 -12.37 5.23
C TYR A 435 -15.67 -13.10 6.56
N MET A 436 -16.70 -13.16 7.38
CA MET A 436 -16.71 -13.93 8.64
C MET A 436 -16.45 -15.41 8.33
N GLU A 437 -17.02 -15.94 7.24
CA GLU A 437 -16.76 -17.32 6.75
C GLU A 437 -15.26 -17.55 6.57
N GLY A 438 -14.59 -16.66 5.86
CA GLY A 438 -13.13 -16.79 5.63
C GLY A 438 -12.34 -16.69 6.91
N ALA A 439 -12.83 -15.91 7.86
CA ALA A 439 -12.22 -15.82 9.20
C ALA A 439 -12.20 -17.20 9.84
N VAL A 440 -13.31 -17.93 9.77
CA VAL A 440 -13.41 -19.27 10.41
C VAL A 440 -12.47 -20.23 9.67
N GLU A 441 -12.52 -20.28 8.34
CA GLU A 441 -11.66 -21.18 7.50
C GLU A 441 -10.18 -20.96 7.89
N ALA A 442 -9.73 -19.71 7.92
CA ALA A 442 -8.30 -19.36 8.14
C ALA A 442 -7.90 -19.67 9.58
N GLY A 443 -8.77 -19.38 10.54
CA GLY A 443 -8.52 -19.67 11.97
C GLY A 443 -8.32 -21.16 12.20
N GLU A 444 -9.22 -21.97 11.68
CA GLU A 444 -9.21 -23.44 11.87
C GLU A 444 -8.09 -24.05 11.05
N ARG A 445 -7.79 -23.52 9.86
CA ARG A 445 -6.67 -24.04 9.03
C ARG A 445 -5.36 -23.78 9.78
N ALA A 446 -5.16 -22.58 10.33
CA ALA A 446 -3.92 -22.20 11.05
C ALA A 446 -3.75 -23.05 12.33
N ALA A 447 -4.82 -23.26 13.08
CA ALA A 447 -4.83 -24.13 14.29
C ALA A 447 -4.35 -25.54 13.88
N ARG A 448 -4.86 -26.06 12.77
CA ARG A 448 -4.53 -27.41 12.26
C ARG A 448 -3.09 -27.42 11.71
N GLU A 449 -2.64 -26.35 11.08
CA GLU A 449 -1.19 -26.28 10.71
C GLU A 449 -0.34 -26.57 11.95
N ILE A 450 -0.72 -26.02 13.11
CA ILE A 450 0.05 -26.21 14.38
C ILE A 450 -0.15 -27.64 14.91
N LEU A 451 -1.38 -28.17 14.88
CA LEU A 451 -1.65 -29.57 15.28
C LEU A 451 -0.76 -30.48 14.42
N HIS A 452 -0.58 -30.16 13.14
CA HIS A 452 0.31 -30.93 12.24
C HIS A 452 1.76 -30.80 12.72
N ALA A 453 2.25 -29.58 12.91
CA ALA A 453 3.63 -29.28 13.37
C ALA A 453 3.92 -30.04 14.66
N MET A 454 2.91 -30.29 15.51
CA MET A 454 3.08 -30.96 16.82
C MET A 454 2.91 -32.48 16.68
N GLY A 455 2.72 -32.99 15.46
CA GLY A 455 2.48 -34.41 15.13
C GLY A 455 1.19 -34.95 15.73
N LYS A 456 0.15 -34.13 15.88
CA LYS A 456 -1.15 -34.56 16.45
C LYS A 456 -2.13 -34.96 15.34
N ILE A 457 -1.89 -34.58 14.08
CA ILE A 457 -2.78 -34.95 12.94
C ILE A 457 -1.91 -35.12 11.72
N PRO A 458 -2.35 -35.90 10.71
CA PRO A 458 -1.61 -36.00 9.45
C PRO A 458 -1.79 -34.75 8.58
N GLU A 459 -0.88 -34.56 7.62
CA GLU A 459 -0.88 -33.37 6.74
C GLU A 459 -2.23 -33.22 5.99
N ASP A 460 -2.88 -34.33 5.65
CA ASP A 460 -4.12 -34.29 4.83
C ASP A 460 -5.29 -33.75 5.66
N GLU A 461 -5.13 -33.53 6.96
CA GLU A 461 -6.21 -33.00 7.82
C GLU A 461 -6.03 -31.49 8.06
N ILE A 462 -4.96 -30.87 7.57
CA ILE A 462 -4.77 -29.38 7.71
C ILE A 462 -5.95 -28.67 7.03
N TRP A 463 -6.21 -28.96 5.75
CA TRP A 463 -7.35 -28.39 4.96
C TRP A 463 -8.50 -29.38 5.06
N GLN A 464 -9.65 -28.94 5.56
CA GLN A 464 -10.78 -29.84 5.80
C GLN A 464 -12.04 -29.19 5.23
N SER A 465 -12.76 -29.93 4.39
CA SER A 465 -14.02 -29.42 3.79
C SER A 465 -15.11 -29.42 4.87
N GLU A 466 -16.22 -28.77 4.56
CA GLU A 466 -17.30 -28.42 5.50
C GLU A 466 -18.60 -28.95 4.92
N PRO A 467 -19.32 -29.85 5.64
CA PRO A 467 -20.63 -30.28 5.19
C PRO A 467 -21.55 -29.05 5.05
N GLU A 468 -22.46 -29.11 4.08
CA GLU A 468 -23.40 -28.03 3.74
C GLU A 468 -24.37 -27.84 4.92
N SER A 469 -24.67 -26.59 5.28
CA SER A 469 -25.69 -26.26 6.30
C SER A 469 -27.01 -26.95 5.89
N VAL A 470 -27.73 -27.55 6.83
CA VAL A 470 -29.10 -28.11 6.61
C VAL A 470 -30.11 -26.97 6.81
N ASP A 471 -29.73 -25.90 7.50
CA ASP A 471 -30.60 -24.73 7.81
C ASP A 471 -30.57 -23.74 6.65
N VAL A 472 -29.44 -23.62 5.96
CA VAL A 472 -29.24 -22.62 4.87
C VAL A 472 -28.68 -23.36 3.66
N PRO A 473 -29.52 -24.08 2.90
CA PRO A 473 -29.04 -24.85 1.74
C PRO A 473 -28.74 -23.93 0.56
N ALA A 474 -27.78 -24.26 -0.29
CA ALA A 474 -27.39 -23.41 -1.44
C ALA A 474 -28.11 -23.85 -2.72
N GLN A 475 -28.95 -23.01 -3.33
CA GLN A 475 -29.41 -23.16 -4.73
C GLN A 475 -28.20 -22.94 -5.63
N PRO A 476 -28.01 -23.78 -6.68
CA PRO A 476 -26.83 -23.65 -7.53
C PRO A 476 -26.98 -22.37 -8.36
N ILE A 477 -25.88 -21.86 -8.87
CA ILE A 477 -25.90 -20.66 -9.74
C ILE A 477 -26.12 -21.15 -11.15
N THR A 478 -27.18 -20.73 -11.81
CA THR A 478 -27.53 -21.23 -13.16
C THR A 478 -27.51 -20.06 -14.13
N THR A 479 -27.23 -20.34 -15.38
CA THR A 479 -27.42 -19.39 -16.51
C THR A 479 -28.45 -19.96 -17.50
N THR A 480 -29.05 -19.09 -18.32
CA THR A 480 -29.86 -19.46 -19.51
C THR A 480 -28.94 -19.58 -20.72
N PHE A 481 -29.38 -20.33 -21.75
CA PHE A 481 -28.73 -20.42 -23.08
C PHE A 481 -28.38 -19.03 -23.65
N LEU A 482 -29.31 -18.10 -23.62
CA LEU A 482 -29.10 -16.73 -24.19
C LEU A 482 -27.93 -16.04 -23.46
N GLU A 483 -27.95 -16.05 -22.12
CA GLU A 483 -26.91 -15.47 -21.24
C GLU A 483 -25.54 -16.05 -21.62
N ARG A 484 -25.45 -17.35 -21.87
CA ARG A 484 -24.17 -18.02 -22.22
C ARG A 484 -23.74 -17.66 -23.66
N HIS A 485 -24.65 -17.49 -24.62
CA HIS A 485 -24.27 -17.45 -26.06
C HIS A 485 -24.55 -16.08 -26.72
N LEU A 486 -25.23 -15.14 -26.07
CA LEU A 486 -25.41 -13.81 -26.71
C LEU A 486 -24.03 -13.19 -26.93
N PRO A 487 -23.77 -12.52 -28.06
CA PRO A 487 -22.47 -11.92 -28.29
C PRO A 487 -22.26 -10.70 -27.39
N SER A 488 -21.00 -10.32 -27.19
CA SER A 488 -20.60 -9.02 -26.62
C SER A 488 -20.94 -7.93 -27.65
N VAL A 489 -20.74 -6.66 -27.32
CA VAL A 489 -20.91 -5.56 -28.33
C VAL A 489 -19.86 -5.71 -29.43
N PRO A 490 -18.54 -5.91 -29.13
CA PRO A 490 -17.58 -6.08 -30.22
C PRO A 490 -17.81 -7.35 -31.04
N GLY A 491 -18.31 -8.44 -30.43
CA GLY A 491 -18.70 -9.66 -31.15
C GLY A 491 -19.86 -9.42 -32.11
N LEU A 492 -20.87 -8.64 -31.70
CA LEU A 492 -21.98 -8.23 -32.59
C LEU A 492 -21.41 -7.39 -33.75
N LEU A 493 -20.49 -6.46 -33.49
CA LEU A 493 -19.88 -5.61 -34.55
C LEU A 493 -19.11 -6.52 -35.54
N ARG A 494 -18.44 -7.57 -35.06
CA ARG A 494 -17.71 -8.57 -35.89
C ARG A 494 -18.72 -9.30 -36.80
N LEU A 495 -19.79 -9.84 -36.24
CA LEU A 495 -20.88 -10.49 -37.00
C LEU A 495 -21.40 -9.56 -38.11
N ILE A 496 -21.57 -8.26 -37.83
CA ILE A 496 -22.07 -7.26 -38.81
C ILE A 496 -21.03 -7.06 -39.94
N GLY A 497 -19.79 -6.70 -39.58
CA GLY A 497 -18.67 -6.60 -40.54
C GLY A 497 -18.58 -7.80 -41.47
N LEU A 498 -18.82 -9.02 -40.96
CA LEU A 498 -18.73 -10.30 -41.71
C LEU A 498 -19.89 -10.40 -42.71
N THR A 499 -21.13 -10.42 -42.18
CA THR A 499 -22.40 -10.42 -42.96
C THR A 499 -22.28 -9.49 -44.17
N THR A 500 -22.06 -8.20 -43.91
CA THR A 500 -21.96 -7.14 -44.95
C THR A 500 -20.53 -7.18 -45.54
N ILE A 501 -20.24 -8.23 -46.34
CA ILE A 501 -18.94 -8.51 -47.02
C ILE A 501 -19.19 -9.66 -48.00
N ASN B 3 15.15 10.83 29.94
CA ASN B 3 13.83 11.00 30.60
C ASN B 3 13.16 12.29 30.07
N LYS B 4 13.42 13.49 30.61
CA LYS B 4 12.68 14.72 30.22
C LYS B 4 13.53 15.61 29.30
N CYS B 5 12.92 16.24 28.29
CA CYS B 5 13.63 17.08 27.31
C CYS B 5 12.62 18.02 26.64
N ASP B 6 13.06 18.92 25.76
CA ASP B 6 12.16 19.83 24.98
C ASP B 6 11.52 19.05 23.82
N VAL B 7 12.32 18.26 23.06
CA VAL B 7 11.90 17.63 21.77
C VAL B 7 12.48 16.22 21.67
N VAL B 8 11.62 15.24 21.44
CA VAL B 8 12.03 13.86 21.06
C VAL B 8 11.97 13.79 19.53
N VAL B 9 13.08 13.41 18.91
CA VAL B 9 13.16 13.12 17.45
C VAL B 9 13.18 11.60 17.30
N VAL B 10 12.19 11.06 16.61
CA VAL B 10 12.12 9.61 16.29
C VAL B 10 12.82 9.41 14.94
N GLY B 11 13.98 8.75 14.98
CA GLY B 11 14.77 8.42 13.79
C GLY B 11 16.05 9.22 13.71
N GLY B 12 17.17 8.51 13.52
CA GLY B 12 18.54 9.04 13.46
C GLY B 12 19.10 8.97 12.05
N GLY B 13 18.27 9.19 11.03
CA GLY B 13 18.68 9.32 9.63
C GLY B 13 19.11 10.75 9.41
N ILE B 14 19.37 11.15 8.16
CA ILE B 14 19.77 12.54 7.85
C ILE B 14 18.67 13.51 8.28
N SER B 15 17.39 13.16 8.11
CA SER B 15 16.29 14.11 8.41
C SER B 15 16.20 14.35 9.92
N GLY B 16 16.17 13.30 10.74
CA GLY B 16 16.13 13.36 12.22
C GLY B 16 17.37 14.04 12.79
N MET B 17 18.54 13.73 12.26
CA MET B 17 19.82 14.31 12.69
C MET B 17 19.83 15.80 12.32
N ALA B 18 19.39 16.20 11.11
CA ALA B 18 19.31 17.62 10.68
C ALA B 18 18.36 18.42 11.59
N ALA B 19 17.24 17.83 11.97
CA ALA B 19 16.22 18.48 12.84
C ALA B 19 16.86 18.70 14.21
N ALA B 20 17.46 17.66 14.78
CA ALA B 20 18.05 17.65 16.15
C ALA B 20 19.20 18.66 16.20
N LYS B 21 20.03 18.71 15.17
CA LYS B 21 21.15 19.69 15.16
C LYS B 21 20.55 21.10 15.17
N LEU B 22 19.56 21.41 14.34
CA LEU B 22 18.98 22.78 14.30
C LEU B 22 18.41 23.14 15.69
N LEU B 23 17.68 22.22 16.33
CA LEU B 23 17.03 22.50 17.63
C LEU B 23 18.10 22.62 18.73
N HIS B 24 19.14 21.78 18.72
CA HIS B 24 20.26 21.85 19.68
C HIS B 24 21.02 23.17 19.52
N ASP B 25 21.27 23.61 18.28
CA ASP B 25 21.98 24.89 17.98
C ASP B 25 21.16 26.09 18.43
N SER B 26 19.83 25.96 18.51
CA SER B 26 18.92 27.05 18.94
C SER B 26 18.80 27.02 20.48
N GLY B 27 19.42 26.07 21.18
CA GLY B 27 19.44 25.99 22.65
C GLY B 27 18.37 25.10 23.28
N LEU B 28 17.65 24.26 22.53
CA LEU B 28 16.71 23.29 23.14
C LEU B 28 17.41 21.98 23.49
N ASN B 29 16.86 21.28 24.48
CA ASN B 29 17.32 19.92 24.87
C ASN B 29 16.59 18.89 24.00
N VAL B 30 17.35 18.17 23.19
CA VAL B 30 16.81 17.21 22.19
C VAL B 30 17.35 15.85 22.55
N VAL B 31 16.50 14.84 22.36
CA VAL B 31 16.90 13.42 22.37
C VAL B 31 16.53 12.85 21.00
N VAL B 32 17.42 12.05 20.42
CA VAL B 32 17.13 11.29 19.16
C VAL B 32 16.98 9.83 19.55
N LEU B 33 15.81 9.25 19.31
CA LEU B 33 15.57 7.80 19.57
C LEU B 33 15.71 7.05 18.24
N GLU B 34 16.69 6.16 18.16
CA GLU B 34 17.06 5.43 16.92
C GLU B 34 16.90 3.92 17.18
N ALA B 35 16.12 3.27 16.33
CA ALA B 35 15.78 1.84 16.40
C ALA B 35 17.04 1.00 16.19
N ARG B 36 17.95 1.39 15.30
CA ARG B 36 19.12 0.53 14.92
C ARG B 36 20.28 0.75 15.91
N ASP B 37 21.28 -0.12 15.83
CA ASP B 37 22.59 0.02 16.52
C ASP B 37 23.46 1.04 15.75
N ARG B 38 22.91 1.81 14.82
CA ARG B 38 23.69 2.81 14.04
C ARG B 38 22.78 3.98 13.66
N VAL B 39 23.37 5.09 13.25
CA VAL B 39 22.64 6.24 12.67
C VAL B 39 22.75 6.18 11.14
N GLY B 40 21.95 6.92 10.42
CA GLY B 40 22.12 7.08 8.97
C GLY B 40 20.96 6.54 8.16
N GLY B 41 20.23 5.55 8.68
CA GLY B 41 19.03 5.00 8.00
C GLY B 41 19.30 4.48 6.60
N ARG B 42 18.76 5.15 5.58
CA ARG B 42 18.84 4.71 4.17
C ARG B 42 20.20 5.14 3.59
N THR B 43 21.02 5.82 4.40
CA THR B 43 22.47 5.97 4.14
C THR B 43 23.23 5.02 5.05
N TYR B 44 24.25 4.38 4.50
CA TYR B 44 25.08 3.40 5.24
C TYR B 44 26.44 3.29 4.54
N THR B 45 27.50 3.72 5.19
CA THR B 45 28.88 3.57 4.69
C THR B 45 29.55 2.38 5.40
N LEU B 46 29.88 1.36 4.64
CA LEU B 46 30.69 0.20 5.12
C LEU B 46 32.15 0.54 4.92
N ARG B 47 32.96 0.29 5.95
CA ARG B 47 34.44 0.41 5.85
C ARG B 47 35.07 -0.96 6.04
N ASN B 48 36.03 -1.26 5.17
CA ASN B 48 36.94 -2.43 5.25
C ASN B 48 38.15 -2.13 4.38
N GLN B 49 39.19 -2.94 4.55
CA GLN B 49 40.49 -2.70 3.90
C GLN B 49 40.33 -2.87 2.38
N LYS B 50 39.42 -3.74 1.95
CA LYS B 50 39.24 -4.10 0.53
C LYS B 50 38.60 -2.93 -0.23
N VAL B 51 37.67 -2.18 0.37
CA VAL B 51 36.92 -1.09 -0.33
C VAL B 51 37.37 0.27 0.16
N LYS B 52 38.09 0.33 1.28
CA LYS B 52 38.30 1.52 2.16
C LYS B 52 36.96 1.98 2.73
N TYR B 53 36.10 2.58 1.90
CA TYR B 53 34.70 2.91 2.28
C TYR B 53 33.78 2.71 1.08
N VAL B 54 32.56 2.23 1.30
CA VAL B 54 31.57 2.19 0.19
C VAL B 54 30.20 2.59 0.73
N ASP B 55 29.51 3.42 -0.03
CA ASP B 55 28.09 3.78 0.18
C ASP B 55 27.23 2.62 -0.32
N LEU B 56 26.57 1.89 0.59
CA LEU B 56 25.61 0.80 0.28
C LEU B 56 24.18 1.34 0.24
N GLY B 57 23.93 2.55 0.71
CA GLY B 57 22.62 3.21 0.58
C GLY B 57 22.80 4.49 -0.21
N GLY B 58 22.10 5.56 0.16
CA GLY B 58 22.22 6.87 -0.49
C GLY B 58 23.64 7.37 -0.59
N SER B 59 24.00 7.96 -1.73
CA SER B 59 25.41 8.30 -2.06
C SER B 59 25.54 9.62 -2.83
N TYR B 60 24.73 9.82 -3.87
CA TYR B 60 24.97 10.89 -4.89
C TYR B 60 24.36 12.20 -4.42
N VAL B 61 25.10 13.27 -4.71
CA VAL B 61 24.59 14.65 -4.56
C VAL B 61 25.02 15.42 -5.80
N GLY B 62 24.30 16.50 -6.08
CA GLY B 62 24.50 17.28 -7.29
C GLY B 62 24.05 18.72 -7.12
N PRO B 63 24.29 19.50 -8.18
CA PRO B 63 23.86 20.89 -8.23
C PRO B 63 22.35 21.00 -7.97
N THR B 64 21.99 22.03 -7.20
CA THR B 64 20.63 22.47 -6.76
C THR B 64 20.27 21.77 -5.46
N GLN B 65 21.11 20.84 -4.99
CA GLN B 65 20.96 20.18 -3.67
C GLN B 65 21.79 20.96 -2.63
N ASN B 66 21.44 22.22 -2.43
CA ASN B 66 22.24 23.23 -1.67
C ASN B 66 22.19 22.97 -0.16
N ARG B 67 21.14 22.36 0.37
CA ARG B 67 21.01 22.09 1.82
C ARG B 67 21.92 20.95 2.28
N ILE B 68 21.96 19.83 1.57
CA ILE B 68 22.84 18.69 1.97
C ILE B 68 24.30 19.14 1.75
N LEU B 69 24.55 19.94 0.73
CA LEU B 69 25.92 20.42 0.45
C LEU B 69 26.37 21.38 1.57
N ARG B 70 25.48 22.26 2.07
CA ARG B 70 25.85 23.23 3.15
C ARG B 70 26.08 22.46 4.45
N LEU B 71 25.14 21.59 4.80
CA LEU B 71 25.22 20.82 6.06
C LEU B 71 26.50 20.00 6.07
N ALA B 72 26.82 19.33 4.96
CA ALA B 72 28.00 18.45 4.83
C ALA B 72 29.28 19.30 4.94
N LYS B 73 29.34 20.44 4.24
CA LYS B 73 30.51 21.36 4.29
C LYS B 73 30.75 21.81 5.75
N GLU B 74 29.70 22.18 6.48
CA GLU B 74 29.78 22.57 7.92
C GLU B 74 30.33 21.41 8.77
N LEU B 75 29.97 20.17 8.44
CA LEU B 75 30.46 18.99 9.20
C LEU B 75 31.88 18.61 8.77
N GLY B 76 32.44 19.34 7.80
CA GLY B 76 33.83 19.17 7.34
C GLY B 76 33.96 18.17 6.21
N LEU B 77 32.87 17.85 5.49
CA LEU B 77 32.89 16.88 4.36
C LEU B 77 33.21 17.61 3.06
N GLU B 78 33.82 16.88 2.12
CA GLU B 78 34.16 17.33 0.74
C GLU B 78 33.52 16.35 -0.24
N THR B 79 33.28 16.79 -1.46
CA THR B 79 32.73 15.94 -2.53
C THR B 79 33.80 15.70 -3.59
N TYR B 80 33.62 14.63 -4.37
CA TYR B 80 34.38 14.43 -5.63
C TYR B 80 33.36 14.08 -6.71
N LYS B 81 33.79 14.25 -7.97
CA LYS B 81 32.93 14.03 -9.16
C LYS B 81 32.92 12.56 -9.51
N VAL B 82 31.71 12.02 -9.76
CA VAL B 82 31.48 10.70 -10.39
C VAL B 82 32.11 10.74 -11.78
N ASN B 83 32.83 9.69 -12.15
CA ASN B 83 33.63 9.70 -13.40
C ASN B 83 32.66 9.73 -14.59
N GLU B 84 32.73 10.78 -15.41
CA GLU B 84 31.96 10.89 -16.67
C GLU B 84 32.84 11.54 -17.76
N VAL B 85 34.15 11.37 -17.69
CA VAL B 85 35.12 11.91 -18.70
C VAL B 85 34.89 11.21 -20.06
N GLU B 86 34.75 9.88 -20.08
CA GLU B 86 34.70 9.06 -21.32
C GLU B 86 33.24 8.78 -21.71
N ARG B 87 32.99 7.83 -22.60
CA ARG B 87 31.65 7.64 -23.21
C ARG B 87 30.76 6.79 -22.29
N LEU B 88 29.48 7.14 -22.28
CA LEU B 88 28.38 6.33 -21.69
C LEU B 88 28.09 5.17 -22.63
N ILE B 89 27.42 4.12 -22.14
CA ILE B 89 26.98 3.00 -23.01
C ILE B 89 25.47 2.78 -22.91
N HIS B 90 24.81 2.73 -24.07
CA HIS B 90 23.43 2.20 -24.21
C HIS B 90 23.52 0.79 -24.79
N HIS B 91 23.18 -0.21 -24.01
CA HIS B 91 23.12 -1.63 -24.47
C HIS B 91 21.69 -1.97 -24.89
N VAL B 92 21.46 -2.17 -26.18
CA VAL B 92 20.10 -2.44 -26.72
C VAL B 92 20.20 -3.62 -27.71
N LYS B 93 19.32 -4.59 -27.53
CA LYS B 93 19.23 -5.78 -28.42
C LYS B 93 20.62 -6.42 -28.53
N GLY B 94 21.28 -6.65 -27.38
CA GLY B 94 22.52 -7.43 -27.28
C GLY B 94 23.73 -6.71 -27.83
N LYS B 95 23.65 -5.39 -28.02
CA LYS B 95 24.79 -4.62 -28.57
C LYS B 95 25.01 -3.33 -27.78
N SER B 96 26.29 -2.91 -27.64
CA SER B 96 26.71 -1.67 -26.94
C SER B 96 26.87 -0.50 -27.94
N TYR B 97 26.19 0.61 -27.68
CA TYR B 97 26.24 1.87 -28.46
C TYR B 97 26.85 2.95 -27.56
N PRO B 98 28.14 3.29 -27.72
CA PRO B 98 28.74 4.35 -26.91
C PRO B 98 28.21 5.72 -27.32
N PHE B 99 28.06 6.63 -26.38
CA PHE B 99 27.52 8.00 -26.63
C PHE B 99 28.07 9.00 -25.62
N ARG B 100 27.79 10.28 -25.90
CA ARG B 100 28.15 11.42 -25.04
C ARG B 100 26.87 12.23 -24.82
N GLY B 101 26.75 12.93 -23.70
CA GLY B 101 25.55 13.73 -23.37
C GLY B 101 24.63 12.88 -22.51
N PRO B 102 23.63 13.50 -21.85
CA PRO B 102 22.88 12.79 -20.83
C PRO B 102 21.91 11.72 -21.37
N PHE B 103 21.37 11.92 -22.57
CA PHE B 103 20.34 11.05 -23.21
C PHE B 103 20.96 10.19 -24.28
N PRO B 104 20.68 8.87 -24.31
CA PRO B 104 21.19 8.01 -25.39
C PRO B 104 20.64 8.44 -26.75
N PRO B 105 21.46 8.55 -27.81
CA PRO B 105 20.97 8.96 -29.12
C PRO B 105 20.04 7.91 -29.74
N VAL B 106 19.17 8.38 -30.62
CA VAL B 106 18.17 7.57 -31.36
C VAL B 106 18.35 7.92 -32.84
N TRP B 107 18.46 6.93 -33.71
CA TRP B 107 18.78 7.15 -35.16
C TRP B 107 17.53 7.04 -36.05
N ASN B 108 16.62 6.10 -35.78
CA ASN B 108 15.39 5.99 -36.61
C ASN B 108 14.59 7.27 -36.43
N PRO B 109 14.13 7.95 -37.52
CA PRO B 109 13.50 9.28 -37.39
C PRO B 109 12.13 9.28 -36.68
N ILE B 110 11.37 8.20 -36.77
CA ILE B 110 10.06 8.04 -36.07
C ILE B 110 10.34 7.82 -34.58
N THR B 111 11.26 6.91 -34.26
CA THR B 111 11.73 6.64 -32.87
C THR B 111 12.25 7.93 -32.25
N TYR B 112 13.04 8.70 -33.02
CA TYR B 112 13.59 10.00 -32.58
C TYR B 112 12.44 10.89 -32.11
N LEU B 113 11.40 11.06 -32.93
CA LEU B 113 10.24 11.94 -32.59
C LEU B 113 9.59 11.42 -31.30
N ASP B 114 9.39 10.11 -31.20
CA ASP B 114 8.69 9.46 -30.06
C ASP B 114 9.51 9.65 -28.76
N HIS B 115 10.83 9.47 -28.81
CA HIS B 115 11.73 9.65 -27.62
C HIS B 115 11.69 11.10 -27.17
N ASN B 116 11.92 12.02 -28.12
CA ASN B 116 11.99 13.48 -27.87
C ASN B 116 10.67 13.92 -27.21
N ASN B 117 9.55 13.42 -27.72
CA ASN B 117 8.21 13.77 -27.24
C ASN B 117 8.00 13.23 -25.82
N PHE B 118 8.54 12.04 -25.53
CA PHE B 118 8.34 11.40 -24.21
C PHE B 118 8.90 12.32 -23.11
N TRP B 119 10.17 12.70 -23.23
CA TRP B 119 10.88 13.48 -22.18
C TRP B 119 10.25 14.86 -22.07
N ARG B 120 10.00 15.50 -23.21
CA ARG B 120 9.38 16.84 -23.29
C ARG B 120 8.01 16.82 -22.64
N THR B 121 7.20 15.79 -22.89
CA THR B 121 5.83 15.66 -22.32
C THR B 121 5.90 15.52 -20.79
N MET B 122 6.84 14.74 -20.25
CA MET B 122 7.03 14.61 -18.76
C MET B 122 7.25 15.99 -18.13
N ASP B 123 8.08 16.84 -18.74
CA ASP B 123 8.36 18.20 -18.24
C ASP B 123 7.15 19.12 -18.46
N ASP B 124 6.51 19.06 -19.62
CA ASP B 124 5.28 19.85 -19.91
C ASP B 124 4.23 19.55 -18.82
N MET B 125 4.02 18.28 -18.54
CA MET B 125 3.01 17.90 -17.50
C MET B 125 3.47 18.39 -16.13
N GLY B 126 4.77 18.28 -15.81
CA GLY B 126 5.33 18.71 -14.52
C GLY B 126 5.08 20.19 -14.26
N ARG B 127 5.07 21.01 -15.30
CA ARG B 127 4.89 22.48 -15.15
C ARG B 127 3.50 22.81 -14.61
N GLU B 128 2.53 21.88 -14.64
CA GLU B 128 1.19 22.18 -14.09
C GLU B 128 1.05 21.58 -12.68
N ILE B 129 2.12 21.05 -12.09
CA ILE B 129 2.04 20.36 -10.76
C ILE B 129 2.79 21.18 -9.71
N PRO B 130 2.10 21.82 -8.75
CA PRO B 130 2.79 22.51 -7.67
C PRO B 130 3.64 21.57 -6.82
N SER B 131 4.90 21.94 -6.59
CA SER B 131 5.88 21.15 -5.79
C SER B 131 5.37 20.92 -4.37
N ASP B 132 4.73 21.93 -3.76
CA ASP B 132 4.26 21.85 -2.35
C ASP B 132 2.83 21.28 -2.24
N ALA B 133 2.15 21.03 -3.35
CA ALA B 133 0.74 20.56 -3.35
C ALA B 133 0.41 19.89 -4.67
N PRO B 134 0.99 18.72 -5.00
CA PRO B 134 0.70 18.09 -6.30
C PRO B 134 -0.79 17.79 -6.49
N TRP B 135 -1.55 17.57 -5.42
CA TRP B 135 -3.03 17.33 -5.43
C TRP B 135 -3.78 18.56 -5.96
N LYS B 136 -3.12 19.70 -6.17
CA LYS B 136 -3.69 20.96 -6.68
C LYS B 136 -3.41 21.13 -8.19
N ALA B 137 -2.75 20.17 -8.81
CA ALA B 137 -2.59 20.13 -10.27
C ALA B 137 -3.99 20.14 -10.92
N PRO B 138 -4.17 20.93 -12.00
CA PRO B 138 -5.49 21.03 -12.64
C PRO B 138 -6.08 19.66 -13.02
N LEU B 139 -5.25 18.70 -13.44
CA LEU B 139 -5.73 17.34 -13.83
C LEU B 139 -5.29 16.32 -12.78
N ALA B 140 -5.28 16.71 -11.50
CA ALA B 140 -4.69 15.88 -10.43
C ALA B 140 -5.42 14.53 -10.34
N GLU B 141 -6.75 14.51 -10.40
CA GLU B 141 -7.50 13.23 -10.26
C GLU B 141 -7.29 12.38 -11.50
N GLU B 142 -7.42 12.96 -12.68
CA GLU B 142 -7.19 12.21 -13.94
C GLU B 142 -5.81 11.53 -13.87
N TRP B 143 -4.74 12.29 -13.53
CA TRP B 143 -3.34 11.80 -13.51
C TRP B 143 -3.14 10.85 -12.33
N ASP B 144 -3.83 11.07 -11.22
CA ASP B 144 -3.63 10.20 -10.03
C ASP B 144 -4.31 8.84 -10.21
N ASN B 145 -5.33 8.78 -11.05
CA ASN B 145 -6.16 7.55 -11.24
C ASN B 145 -5.60 6.67 -12.35
N MET B 146 -4.45 7.03 -12.91
CA MET B 146 -3.77 6.11 -13.86
C MET B 146 -2.37 5.79 -13.37
N THR B 147 -1.88 4.64 -13.76
CA THR B 147 -0.49 4.24 -13.46
C THR B 147 0.43 4.84 -14.53
N MET B 148 1.72 4.89 -14.22
CA MET B 148 2.73 5.28 -15.23
C MET B 148 2.68 4.30 -16.41
N LYS B 149 2.26 3.05 -16.20
CA LYS B 149 2.10 2.07 -17.29
C LYS B 149 1.01 2.54 -18.27
N GLU B 150 -0.14 2.97 -17.77
CA GLU B 150 -1.20 3.55 -18.64
C GLU B 150 -0.71 4.81 -19.35
N LEU B 151 -0.06 5.74 -18.65
CA LEU B 151 0.47 6.97 -19.29
C LEU B 151 1.41 6.57 -20.44
N LEU B 152 2.40 5.71 -20.20
CA LEU B 152 3.40 5.33 -21.23
C LEU B 152 2.73 4.60 -22.41
N ASP B 153 1.70 3.80 -22.13
CA ASP B 153 0.91 3.13 -23.20
C ASP B 153 0.26 4.19 -24.10
N LYS B 154 -0.30 5.25 -23.55
CA LYS B 154 -0.93 6.35 -24.33
C LYS B 154 0.13 7.14 -25.11
N LEU B 155 1.29 7.40 -24.50
CA LEU B 155 2.24 8.45 -24.95
C LEU B 155 3.23 7.88 -25.97
N CYS B 156 3.69 6.66 -25.76
CA CYS B 156 4.80 6.02 -26.49
C CYS B 156 4.27 5.24 -27.69
N TRP B 157 4.49 5.77 -28.89
CA TRP B 157 4.09 5.12 -30.17
C TRP B 157 5.09 4.03 -30.59
N THR B 158 6.28 3.95 -29.98
CA THR B 158 7.32 2.95 -30.32
C THR B 158 7.65 2.13 -29.07
N GLU B 159 7.93 0.83 -29.25
CA GLU B 159 8.41 -0.07 -28.17
C GLU B 159 9.74 0.46 -27.64
N SER B 160 10.57 1.01 -28.52
CA SER B 160 11.86 1.66 -28.15
C SER B 160 11.66 2.69 -27.05
N ALA B 161 10.84 3.70 -27.27
CA ALA B 161 10.58 4.77 -26.28
C ALA B 161 9.94 4.16 -25.02
N LYS B 162 9.02 3.21 -25.18
CA LYS B 162 8.23 2.67 -24.05
C LYS B 162 9.15 1.87 -23.12
N GLN B 163 10.14 1.16 -23.68
CA GLN B 163 11.14 0.40 -22.91
C GLN B 163 12.10 1.34 -22.18
N LEU B 164 12.61 2.38 -22.85
CA LEU B 164 13.50 3.38 -22.21
C LEU B 164 12.72 4.11 -21.10
N ALA B 165 11.50 4.58 -21.35
CA ALA B 165 10.67 5.26 -20.34
C ALA B 165 10.40 4.32 -19.16
N THR B 166 10.24 3.02 -19.41
CA THR B 166 9.99 2.01 -18.34
C THR B 166 11.26 1.92 -17.46
N LEU B 167 12.45 1.83 -18.08
CA LEU B 167 13.74 1.77 -17.34
C LEU B 167 13.83 3.03 -16.49
N PHE B 168 13.41 4.17 -17.06
CA PHE B 168 13.49 5.49 -16.40
C PHE B 168 12.67 5.47 -15.10
N VAL B 169 11.45 4.94 -15.15
CA VAL B 169 10.59 4.83 -13.92
C VAL B 169 11.26 3.88 -12.93
N ASN B 170 11.63 2.69 -13.40
CA ASN B 170 12.22 1.65 -12.53
C ASN B 170 13.44 2.25 -11.79
N LEU B 171 14.31 3.00 -12.49
CA LEU B 171 15.58 3.51 -11.94
C LEU B 171 15.30 4.64 -10.97
N CYS B 172 14.40 5.54 -11.32
CA CYS B 172 14.08 6.74 -10.51
C CYS B 172 13.46 6.36 -9.17
N VAL B 173 12.47 5.45 -9.18
CA VAL B 173 11.57 5.23 -8.01
C VAL B 173 11.53 3.75 -7.60
N THR B 174 12.42 2.91 -8.16
CA THR B 174 12.62 1.47 -7.79
C THR B 174 11.29 0.72 -7.71
N ALA B 175 10.38 1.00 -8.65
CA ALA B 175 9.02 0.43 -8.74
C ALA B 175 8.66 0.24 -10.21
N GLU B 176 7.71 -0.67 -10.45
CA GLU B 176 7.17 -0.96 -11.79
C GLU B 176 6.23 0.18 -12.20
N THR B 177 6.12 0.44 -13.50
CA THR B 177 5.25 1.47 -14.09
C THR B 177 3.80 1.20 -13.66
N HIS B 178 3.40 -0.06 -13.49
CA HIS B 178 2.00 -0.40 -13.12
C HIS B 178 1.75 -0.21 -11.62
N GLU B 179 2.79 0.00 -10.81
CA GLU B 179 2.67 0.10 -9.32
C GLU B 179 2.37 1.54 -8.90
N VAL B 180 2.80 2.52 -9.69
CA VAL B 180 2.87 3.95 -9.26
C VAL B 180 1.82 4.78 -10.02
N SER B 181 1.23 5.75 -9.33
CA SER B 181 0.45 6.92 -9.87
C SER B 181 1.27 7.74 -10.89
N ALA B 182 0.66 8.10 -12.02
CA ALA B 182 1.22 9.05 -13.01
C ALA B 182 1.42 10.39 -12.35
N LEU B 183 0.41 10.89 -11.60
CA LEU B 183 0.50 12.21 -10.91
C LEU B 183 1.71 12.20 -9.98
N TRP B 184 1.86 11.18 -9.16
CA TRP B 184 2.97 11.16 -8.17
C TRP B 184 4.33 11.12 -8.89
N PHE B 185 4.49 10.26 -9.89
CA PHE B 185 5.77 10.15 -10.63
C PHE B 185 6.13 11.48 -11.32
N LEU B 186 5.16 12.15 -11.92
CA LEU B 186 5.39 13.44 -12.65
C LEU B 186 5.77 14.56 -11.66
N TRP B 187 5.16 14.54 -10.48
CA TRP B 187 5.53 15.44 -9.36
C TRP B 187 6.95 15.14 -8.94
N TYR B 188 7.25 13.84 -8.77
CA TYR B 188 8.56 13.37 -8.30
C TYR B 188 9.69 13.91 -9.19
N VAL B 189 9.50 13.83 -10.50
CA VAL B 189 10.50 14.34 -11.49
C VAL B 189 10.55 15.86 -11.42
N LYS B 190 9.38 16.49 -11.46
CA LYS B 190 9.28 17.96 -11.48
C LYS B 190 9.95 18.54 -10.22
N GLN B 191 9.71 17.96 -9.04
CA GLN B 191 10.26 18.49 -7.76
C GLN B 191 11.79 18.23 -7.64
N CYS B 192 12.43 17.47 -8.53
CA CYS B 192 13.91 17.35 -8.62
C CYS B 192 14.46 18.32 -9.68
N GLY B 193 13.62 19.11 -10.33
CA GLY B 193 14.01 20.08 -11.37
C GLY B 193 13.81 19.56 -12.79
N GLY B 194 13.12 18.42 -12.97
CA GLY B 194 12.82 17.90 -14.32
C GLY B 194 13.75 16.78 -14.78
N THR B 195 13.47 16.26 -15.98
CA THR B 195 14.05 15.02 -16.53
C THR B 195 15.56 15.19 -16.64
N THR B 196 16.04 16.26 -17.28
CA THR B 196 17.50 16.45 -17.52
C THR B 196 18.21 16.42 -16.17
N ARG B 197 17.70 17.17 -15.20
CA ARG B 197 18.35 17.33 -13.89
C ARG B 197 18.35 15.96 -13.19
N ILE B 198 17.25 15.22 -13.24
CA ILE B 198 17.16 13.97 -12.42
C ILE B 198 18.08 12.88 -13.03
N ILE B 199 18.32 12.86 -14.35
CA ILE B 199 19.01 11.71 -15.03
C ILE B 199 20.49 12.02 -15.19
N SER B 200 20.92 13.27 -15.04
CA SER B 200 22.29 13.68 -15.42
C SER B 200 23.28 13.35 -14.29
N THR B 201 24.47 12.93 -14.67
CA THR B 201 25.67 12.85 -13.82
C THR B 201 26.25 14.27 -13.82
N THR B 202 26.90 14.66 -14.90
CA THR B 202 27.40 16.05 -15.05
C THR B 202 26.19 16.99 -14.97
N ASN B 203 26.19 17.91 -14.02
CA ASN B 203 25.18 18.98 -13.88
C ASN B 203 23.82 18.40 -13.47
N GLY B 204 23.78 17.23 -12.84
CA GLY B 204 22.54 16.64 -12.32
C GLY B 204 22.70 15.92 -11.01
N GLY B 205 21.71 15.10 -10.66
CA GLY B 205 21.64 14.48 -9.32
C GLY B 205 22.79 13.52 -9.03
N GLN B 206 23.41 12.94 -10.04
CA GLN B 206 24.47 11.91 -9.84
C GLN B 206 25.85 12.55 -10.01
N GLU B 207 26.00 13.87 -9.91
CA GLU B 207 27.32 14.52 -10.19
C GLU B 207 28.41 14.07 -9.21
N ARG B 208 28.07 13.95 -7.92
CA ARG B 208 29.10 13.90 -6.87
C ARG B 208 28.76 12.85 -5.81
N LYS B 209 29.81 12.41 -5.11
CA LYS B 209 29.77 11.60 -3.87
C LYS B 209 30.61 12.33 -2.80
N PHE B 210 30.37 11.98 -1.56
CA PHE B 210 31.16 12.45 -0.39
C PHE B 210 32.41 11.60 -0.26
N VAL B 211 33.55 12.26 -0.16
CA VAL B 211 34.86 11.67 0.27
C VAL B 211 34.63 11.03 1.65
N GLY B 212 34.78 9.73 1.72
CA GLY B 212 34.62 8.95 2.96
C GLY B 212 33.21 8.40 3.18
N GLY B 213 32.22 8.75 2.34
CA GLY B 213 30.88 8.16 2.44
C GLY B 213 29.85 9.13 2.98
N SER B 214 28.60 8.99 2.57
CA SER B 214 27.46 9.84 3.02
C SER B 214 27.09 9.53 4.48
N GLY B 215 27.39 8.32 4.96
CA GLY B 215 27.17 7.92 6.36
C GLY B 215 27.76 8.91 7.35
N GLN B 216 28.79 9.66 6.95
CA GLN B 216 29.51 10.64 7.79
C GLN B 216 28.59 11.82 8.13
N VAL B 217 27.59 12.12 7.30
CA VAL B 217 26.66 13.22 7.64
C VAL B 217 25.97 12.87 8.97
N SER B 218 25.41 11.69 9.09
CA SER B 218 24.64 11.31 10.29
C SER B 218 25.60 11.04 11.46
N GLU B 219 26.73 10.36 11.22
CA GLU B 219 27.74 10.02 12.27
C GLU B 219 28.29 11.31 12.89
N ARG B 220 28.62 12.30 12.07
CA ARG B 220 29.24 13.54 12.58
C ARG B 220 28.21 14.39 13.35
N ILE B 221 26.94 14.40 12.94
CA ILE B 221 25.87 15.05 13.75
C ILE B 221 25.70 14.29 15.07
N MET B 222 25.70 12.97 15.04
CA MET B 222 25.69 12.16 16.29
C MET B 222 26.92 12.53 17.17
N ASP B 223 28.11 12.70 16.58
CA ASP B 223 29.34 13.13 17.31
C ASP B 223 29.03 14.46 18.04
N LEU B 224 28.41 15.42 17.36
CA LEU B 224 28.03 16.73 17.96
C LEU B 224 27.07 16.53 19.12
N LEU B 225 26.06 15.67 18.98
CA LEU B 225 24.97 15.59 19.99
C LEU B 225 25.39 14.74 21.20
N GLY B 226 26.54 14.04 21.14
CA GLY B 226 27.02 13.06 22.14
C GLY B 226 25.95 12.09 22.59
N ASP B 227 25.68 12.06 23.89
CA ASP B 227 24.80 11.05 24.53
C ASP B 227 23.32 11.41 24.35
N ARG B 228 22.97 12.48 23.65
CA ARG B 228 21.54 12.79 23.31
C ARG B 228 20.97 11.81 22.26
N VAL B 229 21.83 11.07 21.55
CA VAL B 229 21.40 10.06 20.55
C VAL B 229 21.35 8.71 21.25
N LYS B 230 20.20 8.08 21.28
CA LYS B 230 19.99 6.76 21.90
C LYS B 230 19.82 5.69 20.80
N LEU B 231 20.82 4.83 20.65
CA LEU B 231 20.84 3.73 19.67
C LEU B 231 20.10 2.55 20.26
N GLU B 232 19.45 1.73 19.42
CA GLU B 232 18.65 0.54 19.82
C GLU B 232 17.50 0.98 20.74
N ARG B 233 16.88 2.10 20.40
CA ARG B 233 15.66 2.59 21.05
C ARG B 233 14.57 2.68 19.99
N PRO B 234 14.04 1.54 19.50
CA PRO B 234 12.86 1.58 18.64
C PRO B 234 11.71 2.16 19.46
N VAL B 235 11.07 3.22 18.97
CA VAL B 235 9.83 3.77 19.57
C VAL B 235 8.64 2.87 19.22
N ILE B 236 7.85 2.56 20.24
CA ILE B 236 6.70 1.59 20.20
C ILE B 236 5.39 2.28 20.54
N TYR B 237 5.44 3.43 21.21
CA TYR B 237 4.26 4.04 21.87
C TYR B 237 4.46 5.54 22.01
N ILE B 238 3.48 6.32 21.54
CA ILE B 238 3.42 7.78 21.80
C ILE B 238 2.08 8.16 22.43
N ASP B 239 2.13 8.80 23.59
CA ASP B 239 0.92 9.20 24.37
C ASP B 239 0.86 10.73 24.41
N GLN B 240 -0.18 11.31 23.84
CA GLN B 240 -0.39 12.77 23.79
C GLN B 240 -1.59 13.19 24.66
N THR B 241 -2.13 12.31 25.50
CA THR B 241 -3.31 12.63 26.34
C THR B 241 -2.93 13.62 27.44
N ARG B 242 -1.71 13.55 27.98
CA ARG B 242 -1.27 14.34 29.17
C ARG B 242 -0.60 15.66 28.76
N GLU B 243 -0.14 16.42 29.75
CA GLU B 243 0.43 17.79 29.62
C GLU B 243 1.69 17.75 28.78
N ASN B 244 2.63 16.87 29.13
CA ASN B 244 3.84 16.54 28.32
C ASN B 244 3.53 15.33 27.44
N VAL B 245 4.22 15.23 26.30
CA VAL B 245 4.14 14.04 25.41
C VAL B 245 5.03 12.95 25.99
N LEU B 246 4.54 11.72 26.02
CA LEU B 246 5.30 10.56 26.52
C LEU B 246 5.66 9.66 25.32
N VAL B 247 6.92 9.25 25.24
CA VAL B 247 7.41 8.38 24.15
C VAL B 247 8.07 7.18 24.78
N GLU B 248 7.58 5.99 24.48
CA GLU B 248 8.14 4.74 25.04
C GLU B 248 8.89 3.96 23.95
N THR B 249 9.99 3.33 24.34
CA THR B 249 10.83 2.48 23.48
C THR B 249 10.58 1.02 23.84
N LEU B 250 10.99 0.12 22.94
CA LEU B 250 10.87 -1.36 23.05
C LEU B 250 11.64 -1.86 24.27
N ASN B 251 12.78 -1.24 24.61
CA ASN B 251 13.59 -1.58 25.82
C ASN B 251 13.00 -0.89 27.07
N HIS B 252 11.75 -0.42 27.01
CA HIS B 252 10.93 0.01 28.18
C HIS B 252 11.34 1.39 28.74
N GLU B 253 12.17 2.17 28.05
CA GLU B 253 12.49 3.54 28.47
C GLU B 253 11.33 4.47 28.12
N MET B 254 11.15 5.51 28.93
CA MET B 254 10.10 6.53 28.82
C MET B 254 10.76 7.90 28.65
N TYR B 255 10.44 8.60 27.59
CA TYR B 255 10.97 9.95 27.30
C TYR B 255 9.78 10.88 27.34
N GLU B 256 9.99 12.06 27.88
CA GLU B 256 8.94 13.05 28.11
C GLU B 256 9.39 14.35 27.47
N ALA B 257 8.56 14.92 26.60
CA ALA B 257 8.92 16.12 25.84
C ALA B 257 7.70 17.00 25.63
N LYS B 258 7.95 18.24 25.23
CA LYS B 258 6.91 19.19 24.83
C LYS B 258 6.46 18.83 23.41
N TYR B 259 7.37 18.32 22.57
CA TYR B 259 7.09 18.08 21.13
C TYR B 259 7.88 16.88 20.63
N VAL B 260 7.35 16.27 19.57
CA VAL B 260 7.96 15.12 18.86
C VAL B 260 8.12 15.44 17.38
N ILE B 261 9.28 15.09 16.84
CA ILE B 261 9.51 15.04 15.38
C ILE B 261 9.55 13.56 15.02
N SER B 262 8.62 13.12 14.17
CA SER B 262 8.63 11.82 13.45
C SER B 262 9.49 11.97 12.18
N ALA B 263 10.73 11.44 12.20
CA ALA B 263 11.69 11.52 11.09
C ALA B 263 11.91 10.13 10.49
N ILE B 264 10.83 9.35 10.35
CA ILE B 264 10.81 7.96 9.80
C ILE B 264 9.94 7.96 8.55
N PRO B 265 10.15 7.00 7.61
CA PRO B 265 9.26 6.85 6.46
C PRO B 265 7.81 6.75 6.90
N PRO B 266 6.87 7.43 6.23
CA PRO B 266 5.46 7.44 6.65
C PRO B 266 4.93 6.06 7.10
N THR B 267 5.10 5.02 6.29
CA THR B 267 4.49 3.70 6.62
C THR B 267 5.08 3.12 7.93
N LEU B 268 6.32 3.47 8.29
CA LEU B 268 6.95 2.95 9.53
C LEU B 268 6.30 3.60 10.76
N GLY B 269 5.49 4.64 10.57
CA GLY B 269 4.49 5.09 11.56
C GLY B 269 3.63 3.94 12.09
N MET B 270 3.39 2.91 11.28
CA MET B 270 2.53 1.76 11.70
C MET B 270 3.17 1.03 12.90
N LYS B 271 4.50 1.08 13.06
CA LYS B 271 5.22 0.34 14.13
C LYS B 271 5.04 0.98 15.52
N ILE B 272 4.30 2.08 15.60
CA ILE B 272 4.08 2.90 16.81
C ILE B 272 2.59 2.82 17.16
N HIS B 273 2.26 2.51 18.41
CA HIS B 273 0.89 2.52 18.96
C HIS B 273 0.64 3.94 19.47
N PHE B 274 -0.44 4.57 19.03
CA PHE B 274 -0.75 5.97 19.41
C PHE B 274 -1.91 6.01 20.39
N ASN B 275 -1.77 6.91 21.34
CA ASN B 275 -2.83 7.28 22.30
C ASN B 275 -2.82 8.80 22.36
N PRO B 276 -3.87 9.52 21.90
CA PRO B 276 -5.09 8.91 21.36
C PRO B 276 -4.80 8.33 19.98
N PRO B 277 -5.75 7.55 19.38
CA PRO B 277 -5.56 7.04 18.03
C PRO B 277 -5.27 8.21 17.08
N LEU B 278 -4.48 7.96 16.04
CA LEU B 278 -4.23 8.92 14.93
C LEU B 278 -5.58 9.32 14.36
N PRO B 279 -5.72 10.55 13.81
CA PRO B 279 -6.92 10.90 13.08
C PRO B 279 -7.07 9.95 11.87
N MET B 280 -8.31 9.76 11.43
CA MET B 280 -8.69 8.79 10.39
C MET B 280 -7.75 8.88 9.16
N MET B 281 -7.50 10.06 8.62
CA MET B 281 -6.83 10.14 7.31
C MET B 281 -5.39 9.64 7.47
N ARG B 282 -4.71 9.97 8.57
CA ARG B 282 -3.31 9.50 8.78
C ARG B 282 -3.35 8.00 9.11
N ASN B 283 -4.30 7.55 9.93
CA ASN B 283 -4.47 6.11 10.27
C ASN B 283 -4.44 5.31 8.96
N GLN B 284 -5.19 5.73 7.95
CA GLN B 284 -5.25 4.97 6.67
C GLN B 284 -4.02 5.31 5.78
N MET B 285 -3.57 6.55 5.74
CA MET B 285 -2.46 6.97 4.80
C MET B 285 -1.26 6.06 5.03
N ILE B 286 -0.92 5.73 6.28
CA ILE B 286 0.36 5.05 6.64
C ILE B 286 0.32 3.55 6.28
N THR B 287 -0.83 3.04 5.80
CA THR B 287 -0.99 1.66 5.24
C THR B 287 -0.92 1.69 3.71
N ARG B 288 -0.81 2.86 3.10
CA ARG B 288 -1.03 3.00 1.64
C ARG B 288 0.24 3.46 0.91
N VAL B 289 1.39 3.53 1.58
CA VAL B 289 2.60 4.25 1.05
C VAL B 289 3.83 3.35 1.21
N PRO B 290 3.98 2.34 0.35
CA PRO B 290 5.16 1.49 0.40
C PRO B 290 6.45 2.16 -0.09
N LEU B 291 7.60 1.55 0.21
CA LEU B 291 8.90 1.93 -0.41
C LEU B 291 9.25 0.90 -1.50
N GLY B 292 10.10 1.34 -2.40
CA GLY B 292 10.55 0.55 -3.56
C GLY B 292 11.49 -0.56 -3.17
N SER B 293 11.94 -1.30 -4.17
CA SER B 293 12.71 -2.53 -4.01
C SER B 293 14.01 -2.35 -4.78
N VAL B 294 15.13 -2.47 -4.08
CA VAL B 294 16.44 -2.34 -4.74
C VAL B 294 17.51 -3.11 -3.96
N ILE B 295 18.41 -3.71 -4.73
CA ILE B 295 19.71 -4.22 -4.25
C ILE B 295 20.78 -3.34 -4.89
N LYS B 296 21.61 -2.70 -4.08
CA LYS B 296 22.80 -1.97 -4.57
C LYS B 296 24.00 -2.90 -4.51
N CYS B 297 24.69 -3.05 -5.63
CA CYS B 297 25.79 -4.02 -5.86
C CYS B 297 27.01 -3.27 -6.36
N ILE B 298 28.17 -3.50 -5.73
CA ILE B 298 29.47 -2.88 -6.12
C ILE B 298 30.45 -4.03 -6.39
N VAL B 299 30.91 -4.15 -7.63
CA VAL B 299 31.96 -5.10 -8.06
C VAL B 299 33.26 -4.31 -8.17
N TYR B 300 34.29 -4.80 -7.51
CA TYR B 300 35.64 -4.20 -7.43
C TYR B 300 36.57 -4.93 -8.40
N TYR B 301 37.46 -4.16 -9.01
CA TYR B 301 38.42 -4.66 -10.01
C TYR B 301 39.79 -4.09 -9.66
N LYS B 302 40.83 -4.66 -10.22
CA LYS B 302 42.24 -4.25 -9.98
C LYS B 302 42.44 -2.85 -10.57
N GLU B 303 41.82 -2.54 -11.71
CA GLU B 303 41.92 -1.22 -12.38
C GLU B 303 40.59 -0.82 -12.99
N PRO B 304 40.36 0.49 -13.24
CA PRO B 304 39.18 0.93 -13.99
C PRO B 304 39.35 0.67 -15.50
N PHE B 305 39.34 -0.59 -15.91
CA PHE B 305 39.81 -1.04 -17.25
C PHE B 305 38.91 -0.46 -18.34
N TRP B 306 37.62 -0.23 -18.06
CA TRP B 306 36.67 0.40 -19.02
C TRP B 306 37.19 1.73 -19.56
N ARG B 307 37.95 2.46 -18.77
CA ARG B 307 38.48 3.80 -19.18
C ARG B 307 39.44 3.62 -20.36
N LYS B 308 40.18 2.51 -20.45
CA LYS B 308 41.13 2.24 -21.56
C LYS B 308 40.38 2.14 -22.91
N LYS B 309 39.13 1.72 -22.90
CA LYS B 309 38.28 1.62 -24.11
C LYS B 309 37.44 2.88 -24.29
N ASP B 310 37.76 3.93 -23.54
CA ASP B 310 37.09 5.25 -23.62
C ASP B 310 35.61 5.04 -23.25
N TYR B 311 35.37 4.21 -22.25
CA TYR B 311 34.09 4.11 -21.51
C TYR B 311 34.24 4.67 -20.08
N CYS B 312 33.27 5.49 -19.63
CA CYS B 312 33.31 6.09 -18.28
C CYS B 312 32.86 5.07 -17.22
N GLY B 313 32.09 4.04 -17.57
CA GLY B 313 31.60 3.05 -16.60
C GLY B 313 30.11 3.14 -16.41
N THR B 314 29.50 4.18 -16.99
CA THR B 314 28.03 4.30 -17.05
C THR B 314 27.47 3.35 -18.13
N MET B 315 26.59 2.45 -17.73
CA MET B 315 25.93 1.48 -18.61
C MET B 315 24.42 1.61 -18.40
N ILE B 316 23.69 1.82 -19.50
CA ILE B 316 22.21 1.86 -19.54
C ILE B 316 21.76 0.62 -20.32
N ILE B 317 21.16 -0.33 -19.62
CA ILE B 317 21.04 -1.72 -20.13
C ILE B 317 19.56 -2.06 -20.25
N ASP B 318 19.08 -2.19 -21.49
CA ASP B 318 17.62 -2.40 -21.78
C ASP B 318 17.27 -3.85 -21.45
N GLY B 319 16.00 -4.16 -21.19
CA GLY B 319 15.45 -5.51 -21.37
C GLY B 319 15.43 -6.32 -20.10
N GLU B 320 14.62 -7.37 -20.15
CA GLU B 320 14.20 -8.21 -19.00
C GLU B 320 15.36 -9.07 -18.50
N GLU B 321 16.23 -9.50 -19.38
CA GLU B 321 17.23 -10.56 -19.08
C GLU B 321 18.31 -9.99 -18.14
N ALA B 322 18.72 -8.74 -18.33
CA ALA B 322 19.81 -8.07 -17.56
C ALA B 322 19.44 -7.97 -16.09
N PRO B 323 20.26 -8.45 -15.14
CA PRO B 323 19.96 -8.24 -13.72
C PRO B 323 20.03 -6.76 -13.27
N VAL B 324 20.91 -5.99 -13.90
CA VAL B 324 21.22 -4.58 -13.57
C VAL B 324 20.84 -3.75 -14.79
N ALA B 325 20.04 -2.71 -14.63
CA ALA B 325 19.63 -1.85 -15.76
C ALA B 325 20.55 -0.63 -15.88
N TYR B 326 21.33 -0.31 -14.83
CA TYR B 326 22.07 0.96 -14.74
C TYR B 326 23.29 0.81 -13.82
N THR B 327 24.43 1.34 -14.28
CA THR B 327 25.70 1.31 -13.57
C THR B 327 26.35 2.70 -13.62
N LEU B 328 27.18 2.96 -12.61
CA LEU B 328 28.08 4.13 -12.56
C LEU B 328 29.46 3.65 -12.11
N ASP B 329 30.51 4.32 -12.59
CA ASP B 329 31.87 4.17 -12.04
C ASP B 329 31.81 4.51 -10.55
N ASP B 330 32.22 3.57 -9.68
CA ASP B 330 32.35 3.82 -8.22
C ASP B 330 33.83 3.89 -7.82
N THR B 331 34.74 4.09 -8.79
CA THR B 331 36.20 4.23 -8.47
C THR B 331 36.41 5.46 -7.57
N LYS B 332 37.36 5.41 -6.64
CA LYS B 332 37.71 6.54 -5.74
C LYS B 332 38.41 7.61 -6.57
N PRO B 333 38.42 8.89 -6.10
CA PRO B 333 38.93 9.98 -6.91
C PRO B 333 40.38 9.77 -7.36
N GLU B 334 41.13 8.94 -6.65
CA GLU B 334 42.58 8.73 -6.86
C GLU B 334 42.82 7.75 -8.01
N GLY B 335 41.77 7.07 -8.47
CA GLY B 335 41.87 6.08 -9.55
C GLY B 335 42.01 4.71 -8.96
N ASN B 336 41.91 4.60 -7.64
CA ASN B 336 42.13 3.31 -6.96
C ASN B 336 40.78 2.85 -6.38
N TYR B 337 40.75 1.63 -5.87
CA TYR B 337 39.55 0.86 -5.51
C TYR B 337 38.58 0.85 -6.71
N ALA B 338 39.05 0.52 -7.90
CA ALA B 338 38.24 0.53 -9.13
C ALA B 338 36.97 -0.31 -8.93
N ALA B 339 35.82 0.24 -9.29
CA ALA B 339 34.54 -0.45 -9.01
C ALA B 339 33.45 0.04 -9.93
N ILE B 340 32.48 -0.84 -10.17
CA ILE B 340 31.23 -0.55 -10.90
C ILE B 340 30.09 -0.72 -9.89
N MET B 341 29.28 0.33 -9.72
CA MET B 341 28.05 0.29 -8.91
C MET B 341 26.87 -0.02 -9.86
N GLY B 342 26.05 -1.01 -9.50
CA GLY B 342 24.86 -1.44 -10.24
C GLY B 342 23.64 -1.50 -9.35
N PHE B 343 22.46 -1.20 -9.89
CA PHE B 343 21.18 -1.37 -9.15
C PHE B 343 20.42 -2.54 -9.75
N ILE B 344 20.04 -3.50 -8.89
CA ILE B 344 19.00 -4.50 -9.24
C ILE B 344 17.66 -3.92 -8.82
N LEU B 345 16.78 -3.62 -9.76
CA LEU B 345 15.60 -2.75 -9.54
C LEU B 345 14.27 -3.53 -9.47
N ALA B 346 13.41 -3.15 -8.53
CA ALA B 346 11.97 -3.43 -8.56
C ALA B 346 11.74 -4.96 -8.62
N HIS B 347 11.04 -5.50 -9.63
CA HIS B 347 10.70 -6.95 -9.63
C HIS B 347 11.99 -7.78 -9.71
N LYS B 348 13.08 -7.27 -10.31
CA LYS B 348 14.33 -8.07 -10.40
C LYS B 348 14.96 -8.20 -9.02
N ALA B 349 14.81 -7.18 -8.18
CA ALA B 349 15.31 -7.23 -6.80
C ALA B 349 14.60 -8.38 -6.08
N ARG B 350 13.31 -8.54 -6.32
CA ARG B 350 12.50 -9.60 -5.65
C ARG B 350 12.95 -10.95 -6.21
N LYS B 351 13.09 -11.04 -7.53
CA LYS B 351 13.44 -12.31 -8.23
C LYS B 351 14.83 -12.79 -7.81
N LEU B 352 15.83 -11.91 -7.87
CA LEU B 352 17.27 -12.28 -7.73
C LEU B 352 17.68 -12.33 -6.25
N ALA B 353 16.82 -11.95 -5.33
CA ALA B 353 17.08 -12.04 -3.86
C ALA B 353 17.22 -13.52 -3.46
N ARG B 354 16.50 -14.43 -4.10
CA ARG B 354 16.58 -15.90 -3.86
C ARG B 354 18.00 -16.44 -4.06
N LEU B 355 18.78 -15.84 -4.96
CA LEU B 355 20.14 -16.33 -5.31
C LEU B 355 21.08 -16.08 -4.13
N THR B 356 22.24 -16.75 -4.12
CA THR B 356 23.32 -16.45 -3.14
C THR B 356 24.09 -15.22 -3.63
N LYS B 357 24.87 -14.65 -2.73
CA LYS B 357 25.77 -13.51 -3.00
C LYS B 357 26.66 -13.87 -4.21
N GLU B 358 27.25 -15.06 -4.21
CA GLU B 358 28.21 -15.51 -5.27
C GLU B 358 27.46 -15.67 -6.60
N GLU B 359 26.24 -16.19 -6.59
CA GLU B 359 25.40 -16.34 -7.80
C GLU B 359 25.12 -14.95 -8.37
N ARG B 360 24.83 -13.96 -7.53
CA ARG B 360 24.55 -12.58 -8.03
C ARG B 360 25.84 -12.04 -8.66
N LEU B 361 27.01 -12.22 -8.01
CA LEU B 361 28.31 -11.72 -8.51
C LEU B 361 28.58 -12.24 -9.93
N LYS B 362 28.44 -13.55 -10.13
CA LYS B 362 28.71 -14.21 -11.44
C LYS B 362 27.80 -13.58 -12.51
N LYS B 363 26.51 -13.41 -12.24
CA LYS B 363 25.55 -12.81 -13.20
C LYS B 363 25.94 -11.35 -13.55
N LEU B 364 26.35 -10.57 -12.55
CA LEU B 364 26.76 -9.15 -12.77
C LEU B 364 28.02 -9.10 -13.62
N CYS B 365 29.04 -9.90 -13.29
CA CYS B 365 30.33 -9.95 -14.00
C CYS B 365 30.13 -10.34 -15.48
N GLU B 366 29.31 -11.35 -15.72
CA GLU B 366 29.01 -11.84 -17.10
C GLU B 366 28.26 -10.76 -17.87
N LEU B 367 27.31 -10.07 -17.21
CA LEU B 367 26.62 -8.95 -17.87
C LEU B 367 27.63 -7.86 -18.21
N TYR B 368 28.46 -7.47 -17.25
CA TYR B 368 29.38 -6.33 -17.47
C TYR B 368 30.41 -6.70 -18.55
N ALA B 369 30.78 -7.97 -18.65
CA ALA B 369 31.76 -8.43 -19.65
C ALA B 369 31.14 -8.19 -21.03
N LYS B 370 29.85 -8.47 -21.16
CA LYS B 370 29.14 -8.31 -22.45
C LYS B 370 29.03 -6.83 -22.78
N VAL B 371 28.60 -6.01 -21.82
CA VAL B 371 28.30 -4.58 -22.13
C VAL B 371 29.60 -3.82 -22.38
N LEU B 372 30.62 -4.07 -21.56
CA LEU B 372 31.93 -3.37 -21.67
C LEU B 372 32.80 -4.03 -22.73
N GLY B 373 32.41 -5.22 -23.20
CA GLY B 373 33.15 -6.01 -24.19
C GLY B 373 34.54 -6.30 -23.69
N SER B 374 34.70 -6.76 -22.44
CA SER B 374 36.04 -7.07 -21.86
C SER B 374 35.94 -8.31 -20.99
N LEU B 375 36.95 -9.17 -21.14
CA LEU B 375 37.13 -10.35 -20.26
C LEU B 375 37.55 -9.86 -18.88
N GLU B 376 38.08 -8.64 -18.74
CA GLU B 376 38.53 -8.16 -17.41
C GLU B 376 37.36 -8.07 -16.43
N ALA B 377 36.13 -7.91 -16.90
CA ALA B 377 34.90 -7.85 -16.06
C ALA B 377 34.65 -9.20 -15.36
N LEU B 378 35.28 -10.29 -15.83
CA LEU B 378 35.10 -11.66 -15.26
C LEU B 378 36.11 -11.90 -14.12
N GLU B 379 36.98 -10.94 -13.81
CA GLU B 379 38.04 -11.09 -12.75
C GLU B 379 37.81 -10.13 -11.60
N PRO B 380 36.67 -10.18 -10.89
CA PRO B 380 36.42 -9.28 -9.75
C PRO B 380 37.40 -9.57 -8.60
N VAL B 381 37.84 -8.55 -7.84
CA VAL B 381 38.73 -8.76 -6.65
C VAL B 381 37.90 -8.69 -5.36
N HIS B 382 36.67 -8.17 -5.40
CA HIS B 382 35.79 -8.01 -4.22
C HIS B 382 34.37 -7.68 -4.68
N TYR B 383 33.39 -7.95 -3.82
CA TYR B 383 31.96 -7.73 -4.04
C TYR B 383 31.37 -7.21 -2.74
N GLU B 384 30.54 -6.19 -2.81
CA GLU B 384 29.65 -5.77 -1.69
C GLU B 384 28.24 -5.51 -2.23
N GLU B 385 27.20 -5.82 -1.46
CA GLU B 385 25.80 -5.58 -1.86
C GLU B 385 24.95 -5.31 -0.64
N LYS B 386 23.80 -4.68 -0.85
CA LYS B 386 22.80 -4.50 0.20
C LYS B 386 21.42 -4.57 -0.45
N ASN B 387 20.65 -5.52 0.03
CA ASN B 387 19.22 -5.68 -0.29
C ASN B 387 18.42 -4.86 0.73
N TRP B 388 17.90 -3.71 0.32
CA TRP B 388 17.19 -2.80 1.23
C TRP B 388 15.77 -3.31 1.53
N CYS B 389 15.26 -4.27 0.75
CA CYS B 389 13.91 -4.84 0.94
C CYS B 389 13.84 -5.56 2.28
N GLU B 390 14.97 -6.01 2.82
CA GLU B 390 14.94 -6.89 4.01
C GLU B 390 15.01 -6.08 5.31
N GLU B 391 15.06 -4.74 5.23
CA GLU B 391 15.27 -3.84 6.39
C GLU B 391 13.97 -3.51 7.12
N GLN B 392 13.77 -4.01 8.35
CA GLN B 392 12.57 -3.73 9.19
C GLN B 392 12.40 -2.21 9.41
N TYR B 393 13.48 -1.45 9.59
CA TYR B 393 13.36 -0.02 9.95
C TYR B 393 13.62 0.90 8.74
N SER B 394 13.59 0.39 7.50
CA SER B 394 13.53 1.22 6.26
C SER B 394 12.25 0.91 5.46
N GLY B 395 11.98 -0.38 5.23
CA GLY B 395 10.84 -0.86 4.40
C GLY B 395 11.19 -0.96 2.92
N GLY B 396 12.35 -0.44 2.52
CA GLY B 396 12.88 -0.51 1.16
C GLY B 396 13.74 0.70 0.84
N CYS B 397 13.99 0.92 -0.45
CA CYS B 397 14.74 2.08 -0.98
C CYS B 397 14.30 2.32 -2.41
N TYR B 398 14.54 3.53 -2.93
CA TYR B 398 15.18 4.63 -2.23
C TYR B 398 14.18 5.30 -1.30
N THR B 399 12.92 5.31 -1.73
CA THR B 399 11.87 6.14 -1.08
C THR B 399 10.49 5.54 -1.26
N THR B 400 9.53 6.23 -0.67
CA THR B 400 8.09 5.94 -0.68
C THR B 400 7.52 6.28 -2.06
N TYR B 401 6.79 5.35 -2.66
CA TYR B 401 6.01 5.62 -3.89
C TYR B 401 4.53 5.64 -3.51
N PHE B 402 3.77 6.35 -4.32
CA PHE B 402 2.29 6.44 -4.18
C PHE B 402 1.65 5.61 -5.27
N PRO B 403 0.87 4.57 -4.89
CA PRO B 403 0.05 3.87 -5.85
C PRO B 403 -1.10 4.74 -6.34
N PRO B 404 -1.77 4.31 -7.43
CA PRO B 404 -2.85 5.10 -8.03
C PRO B 404 -3.95 5.40 -7.02
N GLY B 405 -4.34 6.67 -6.97
CA GLY B 405 -5.46 7.19 -6.16
C GLY B 405 -5.04 7.73 -4.81
N ILE B 406 -3.83 7.46 -4.34
CA ILE B 406 -3.44 7.70 -2.92
C ILE B 406 -3.01 9.17 -2.71
N LEU B 407 -2.26 9.77 -3.64
CA LEU B 407 -1.71 11.15 -3.44
C LEU B 407 -2.83 12.18 -3.38
N THR B 408 -3.85 12.14 -4.25
CA THR B 408 -5.01 13.07 -4.22
C THR B 408 -5.84 12.88 -2.94
N GLN B 409 -6.04 11.65 -2.48
CA GLN B 409 -6.91 11.35 -1.30
C GLN B 409 -6.18 11.57 0.03
N TYR B 410 -4.87 11.32 0.11
CA TYR B 410 -4.13 11.30 1.40
C TYR B 410 -2.94 12.26 1.39
N GLY B 411 -2.54 12.81 0.24
CA GLY B 411 -1.26 13.53 0.14
C GLY B 411 -1.19 14.72 1.10
N ARG B 412 -2.29 15.43 1.29
CA ARG B 412 -2.38 16.60 2.19
C ARG B 412 -1.99 16.19 3.62
N VAL B 413 -2.19 14.94 4.04
CA VAL B 413 -2.00 14.61 5.47
C VAL B 413 -0.49 14.42 5.78
N LEU B 414 0.37 14.22 4.78
CA LEU B 414 1.80 13.80 4.95
C LEU B 414 2.55 14.69 5.98
N ARG B 415 2.51 16.01 5.85
CA ARG B 415 3.22 16.84 6.84
C ARG B 415 2.25 17.61 7.75
N GLN B 416 1.00 17.23 7.80
CA GLN B 416 0.06 17.86 8.76
C GLN B 416 0.44 17.38 10.16
N PRO B 417 0.74 18.32 11.08
CA PRO B 417 0.98 17.98 12.48
C PRO B 417 -0.20 17.25 13.13
N VAL B 418 0.09 16.29 14.00
CA VAL B 418 -0.92 15.58 14.85
C VAL B 418 -0.66 16.02 16.29
N ASP B 419 -1.32 17.11 16.70
CA ASP B 419 -1.21 17.73 18.05
C ASP B 419 0.22 18.26 18.22
N ARG B 420 1.09 17.54 18.94
CA ARG B 420 2.49 17.98 19.23
C ARG B 420 3.50 17.09 18.46
N ILE B 421 3.04 16.24 17.54
CA ILE B 421 3.92 15.51 16.57
C ILE B 421 4.00 16.29 15.25
N TYR B 422 5.21 16.65 14.86
CA TYR B 422 5.56 17.24 13.54
C TYR B 422 6.28 16.17 12.73
N PHE B 423 6.23 16.30 11.40
CA PHE B 423 6.62 15.22 10.44
C PHE B 423 7.77 15.70 9.59
N ALA B 424 8.92 15.03 9.77
CA ALA B 424 10.11 15.19 8.93
C ALA B 424 10.22 13.94 8.02
N GLY B 425 11.43 13.57 7.61
CA GLY B 425 11.67 12.52 6.61
C GLY B 425 11.64 13.09 5.20
N THR B 426 12.47 12.54 4.29
CA THR B 426 12.60 13.06 2.89
C THR B 426 11.23 13.08 2.17
N GLU B 427 10.33 12.19 2.55
CA GLU B 427 8.98 12.05 1.94
C GLU B 427 8.16 13.34 2.07
N THR B 428 8.44 14.16 3.08
CA THR B 428 7.69 15.38 3.38
C THR B 428 8.35 16.59 2.72
N ALA B 429 9.47 16.42 2.04
CA ALA B 429 10.17 17.56 1.40
C ALA B 429 9.41 17.98 0.14
N THR B 430 9.70 19.17 -0.36
CA THR B 430 9.09 19.74 -1.60
C THR B 430 10.17 19.94 -2.68
N HIS B 431 11.44 19.70 -2.39
CA HIS B 431 12.53 19.80 -3.39
C HIS B 431 13.46 18.61 -3.14
N TRP B 432 13.69 17.78 -4.16
CA TRP B 432 14.45 16.52 -4.03
C TRP B 432 13.91 15.69 -2.87
N SER B 433 12.59 15.67 -2.69
CA SER B 433 11.94 14.62 -1.86
C SER B 433 12.42 13.29 -2.43
N GLY B 434 12.79 12.36 -1.56
CA GLY B 434 13.31 11.03 -1.90
C GLY B 434 14.82 10.95 -1.78
N TYR B 435 15.47 12.10 -1.67
CA TYR B 435 16.96 12.26 -1.63
C TYR B 435 17.43 12.72 -0.24
N MET B 436 18.74 12.66 -0.02
CA MET B 436 19.39 13.20 1.18
C MET B 436 19.09 14.71 1.27
N GLU B 437 19.04 15.42 0.15
CA GLU B 437 18.67 16.85 0.13
C GLU B 437 17.27 17.06 0.76
N GLY B 438 16.26 16.33 0.29
CA GLY B 438 14.91 16.33 0.86
C GLY B 438 14.89 16.03 2.35
N ALA B 439 15.66 15.07 2.80
CA ALA B 439 15.79 14.73 4.24
C ALA B 439 16.19 15.97 5.07
N VAL B 440 17.17 16.74 4.59
CA VAL B 440 17.67 18.00 5.23
C VAL B 440 16.56 19.05 5.17
N GLU B 441 15.99 19.33 4.01
CA GLU B 441 14.87 20.29 3.90
C GLU B 441 13.79 19.97 4.96
N ALA B 442 13.31 18.73 5.01
CA ALA B 442 12.20 18.29 5.86
C ALA B 442 12.52 18.37 7.35
N GLY B 443 13.71 17.93 7.77
CA GLY B 443 14.16 17.98 9.19
C GLY B 443 14.24 19.41 9.70
N GLU B 444 14.84 20.29 8.90
CA GLU B 444 15.01 21.71 9.26
C GLU B 444 13.62 22.38 9.31
N ARG B 445 12.73 22.08 8.35
CA ARG B 445 11.39 22.68 8.31
C ARG B 445 10.63 22.19 9.55
N ALA B 446 10.67 20.89 9.86
CA ALA B 446 9.87 20.37 10.99
C ALA B 446 10.42 21.00 12.26
N ALA B 447 11.76 21.13 12.36
CA ALA B 447 12.42 21.72 13.56
C ALA B 447 11.93 23.18 13.71
N ARG B 448 11.83 23.94 12.62
CA ARG B 448 11.42 25.36 12.65
C ARG B 448 9.90 25.47 12.88
N GLU B 449 9.09 24.46 12.52
CA GLU B 449 7.64 24.45 12.86
C GLU B 449 7.52 24.40 14.39
N ILE B 450 8.35 23.61 15.06
CA ILE B 450 8.36 23.57 16.55
C ILE B 450 8.90 24.89 17.14
N LEU B 451 9.94 25.51 16.56
CA LEU B 451 10.46 26.81 17.05
C LEU B 451 9.33 27.85 17.00
N HIS B 452 8.48 27.81 15.97
CA HIS B 452 7.35 28.75 15.81
C HIS B 452 6.23 28.41 16.81
N ALA B 453 5.95 27.12 17.02
CA ALA B 453 4.96 26.67 18.03
C ALA B 453 5.36 27.21 19.41
N MET B 454 6.65 27.29 19.66
CA MET B 454 7.24 27.78 20.93
C MET B 454 7.35 29.32 20.95
N GLY B 455 6.93 30.03 19.91
CA GLY B 455 6.97 31.52 19.90
C GLY B 455 8.35 32.09 19.59
N LYS B 456 9.35 31.25 19.28
CA LYS B 456 10.77 31.66 19.13
C LYS B 456 11.02 32.29 17.75
N ILE B 457 10.21 32.02 16.74
CA ILE B 457 10.44 32.55 15.38
C ILE B 457 9.07 32.83 14.80
N PRO B 458 8.99 33.76 13.82
CA PRO B 458 7.73 34.03 13.14
C PRO B 458 7.37 32.97 12.07
N GLU B 459 6.12 32.99 11.62
CA GLU B 459 5.55 32.03 10.65
C GLU B 459 6.34 32.05 9.34
N ASP B 460 6.80 33.22 8.89
CA ASP B 460 7.51 33.33 7.59
C ASP B 460 8.93 32.74 7.67
N GLU B 461 9.37 32.24 8.82
CA GLU B 461 10.74 31.65 8.94
C GLU B 461 10.70 30.12 8.99
N ILE B 462 9.52 29.49 8.90
CA ILE B 462 9.41 28.00 8.87
C ILE B 462 10.04 27.44 7.59
N TRP B 463 9.74 28.04 6.44
CA TRP B 463 10.25 27.64 5.12
C TRP B 463 11.34 28.64 4.76
N GLN B 464 12.57 28.18 4.62
CA GLN B 464 13.74 29.07 4.39
C GLN B 464 14.44 28.65 3.09
N SER B 465 14.69 29.59 2.20
CA SER B 465 15.47 29.37 0.96
C SER B 465 16.92 29.05 1.35
N GLU B 466 17.73 28.55 0.42
CA GLU B 466 19.11 28.10 0.72
C GLU B 466 20.00 28.76 -0.31
N PRO B 467 21.06 29.50 0.06
CA PRO B 467 21.94 30.05 -0.97
C PRO B 467 22.64 28.94 -1.76
N GLU B 468 23.01 29.22 -3.01
CA GLU B 468 23.64 28.26 -3.94
C GLU B 468 25.03 27.90 -3.40
N SER B 469 25.38 26.61 -3.41
CA SER B 469 26.74 26.10 -3.12
C SER B 469 27.76 26.82 -4.01
N VAL B 470 28.82 27.37 -3.44
CA VAL B 470 29.95 27.91 -4.25
C VAL B 470 30.75 26.74 -4.86
N ASP B 471 30.74 25.57 -4.25
CA ASP B 471 31.58 24.40 -4.65
C ASP B 471 30.90 23.63 -5.79
N VAL B 472 29.58 23.59 -5.80
CA VAL B 472 28.77 22.78 -6.75
C VAL B 472 27.69 23.68 -7.32
N PRO B 473 28.06 24.68 -8.14
CA PRO B 473 27.09 25.56 -8.75
C PRO B 473 26.30 24.83 -9.84
N ALA B 474 25.07 25.26 -10.04
CA ALA B 474 24.18 24.65 -11.04
C ALA B 474 24.38 25.41 -12.36
N GLN B 475 24.58 24.71 -13.49
CA GLN B 475 24.45 25.31 -14.84
C GLN B 475 22.99 25.18 -15.27
N PRO B 476 22.51 26.10 -16.12
CA PRO B 476 21.12 26.03 -16.61
C PRO B 476 20.86 24.75 -17.41
N ILE B 477 19.63 24.22 -17.30
CA ILE B 477 19.11 23.16 -18.20
C ILE B 477 18.68 23.85 -19.49
N THR B 478 19.27 23.49 -20.62
CA THR B 478 18.89 24.05 -21.94
C THR B 478 18.21 22.99 -22.78
N THR B 479 17.41 23.42 -23.75
CA THR B 479 16.88 22.59 -24.86
C THR B 479 17.26 23.26 -26.18
N THR B 480 17.23 22.51 -27.27
CA THR B 480 17.42 23.04 -28.66
C THR B 480 16.06 23.41 -29.25
N PHE B 481 16.06 24.29 -30.26
CA PHE B 481 14.89 24.69 -31.07
C PHE B 481 14.09 23.44 -31.53
N LEU B 482 14.79 22.44 -32.06
CA LEU B 482 14.20 21.19 -32.62
C LEU B 482 13.59 20.34 -31.49
N GLU B 483 14.29 20.19 -30.37
CA GLU B 483 13.76 19.50 -29.17
C GLU B 483 12.43 20.13 -28.75
N ARG B 484 12.34 21.45 -28.81
CA ARG B 484 11.14 22.21 -28.40
C ARG B 484 10.04 22.05 -29.45
N HIS B 485 10.34 21.95 -30.75
CA HIS B 485 9.29 22.13 -31.81
C HIS B 485 9.09 20.88 -32.70
N LEU B 486 10.00 19.91 -32.74
CA LEU B 486 9.72 18.68 -33.53
C LEU B 486 8.40 18.11 -33.06
N PRO B 487 7.54 17.64 -33.99
CA PRO B 487 6.25 17.07 -33.61
C PRO B 487 6.36 15.67 -32.96
N SER B 488 5.33 15.28 -32.20
CA SER B 488 5.12 13.90 -31.73
C SER B 488 4.88 12.98 -32.94
N VAL B 489 4.76 11.67 -32.73
CA VAL B 489 4.39 10.71 -33.82
C VAL B 489 2.94 10.99 -34.24
N PRO B 490 1.95 11.08 -33.33
CA PRO B 490 0.60 11.44 -33.74
C PRO B 490 0.55 12.82 -34.41
N GLY B 491 1.42 13.74 -33.96
CA GLY B 491 1.57 15.07 -34.58
C GLY B 491 1.99 14.97 -36.03
N LEU B 492 3.00 14.13 -36.32
CA LEU B 492 3.54 13.92 -37.70
C LEU B 492 2.45 13.26 -38.56
N LEU B 493 1.56 12.46 -37.96
CA LEU B 493 0.40 11.82 -38.65
C LEU B 493 -0.65 12.88 -39.02
N ARG B 494 -1.12 13.67 -38.05
CA ARG B 494 -2.11 14.76 -38.28
C ARG B 494 -1.64 15.64 -39.45
N LEU B 495 -0.33 15.73 -39.68
CA LEU B 495 0.27 16.46 -40.83
C LEU B 495 0.30 15.58 -42.10
N ILE B 496 -0.52 14.52 -42.19
CA ILE B 496 -0.46 13.52 -43.30
C ILE B 496 -1.84 12.85 -43.46
#